data_7W76
#
_entry.id   7W76
#
_cell.length_a   113.221
_cell.length_b   113.221
_cell.length_c   386.165
_cell.angle_alpha   90.000
_cell.angle_beta   90.000
_cell.angle_gamma   120.000
#
_symmetry.space_group_name_H-M   'P 61 2 2'
#
loop_
_entity.id
_entity.type
_entity.pdbx_description
1 polymer 'Ubiquitin-conjugating enzyme E2 2'
2 polymer 'E3 ubiquitin-protein ligase BRE1'
3 non-polymer GLYCEROL
4 non-polymer 'SULFATE ION'
#
loop_
_entity_poly.entity_id
_entity_poly.type
_entity_poly.pdbx_seq_one_letter_code
_entity_poly.pdbx_strand_id
1 'polypeptide(L)'
;GSH(MSE)STPARRRL(MSE)RDFKR(MSE)KEDSPPGVSASPLPDNV(MSE)IWNA(MSE)IIGPADTPYEDGTFRLLL
EFDEEYPNKPPHVKFLSE(MSE)FHPNVYANGEICLDILQNRWTPTYDVASILTSIQSLFNDPNPASPANVEAATLFQDH
KSQYVKRVKETVEKSWEDD(MSE)ED(MSE)ADEDEDEE
;
A,B
2 'polypeptide(L)'
;MNDHFVKRPKLELSDPSEPLTQKDVIAFQKEALFRCLNKWRVKANQLVEENEVLAAGLSKTTESVSGCCSSIVVLARSVV
EDCSDEQDKRFLQQLINTEDEHTLTQIISNNSARICELILKTSGSNISDNIGRLQELESLTLTLQKLLKSSENKLKKATE
YYENIIAQYDRQDSESVSRVFNTADDDSNVKKEKQSSTGASSVNDE
;
C,D,E,F
#
# COMPACT_ATOMS: atom_id res chain seq x y z
N HIS A 3 -6.95 -51.16 12.90
CA HIS A 3 -8.37 -51.24 13.19
C HIS A 3 -8.78 -50.07 14.06
N SER A 5 -11.32 -49.61 16.87
CA SER A 5 -12.24 -49.83 17.98
C SER A 5 -11.76 -49.22 19.29
N THR A 6 -10.48 -48.89 19.39
CA THR A 6 -9.95 -48.35 20.62
C THR A 6 -10.53 -46.97 20.89
N PRO A 7 -10.91 -46.68 22.14
CA PRO A 7 -11.47 -45.35 22.43
C PRO A 7 -10.58 -44.22 21.95
N ALA A 8 -9.26 -44.37 22.13
CA ALA A 8 -8.32 -43.37 21.63
C ALA A 8 -8.35 -43.29 20.11
N ARG A 9 -8.13 -44.42 19.44
CA ARG A 9 -8.19 -44.45 17.98
C ARG A 9 -9.55 -43.98 17.47
N ARG A 10 -10.63 -44.36 18.15
CA ARG A 10 -11.96 -43.89 17.79
C ARG A 10 -12.03 -42.37 17.74
N ARG A 11 -11.49 -41.70 18.77
CA ARG A 11 -11.53 -40.24 18.80
C ARG A 11 -10.63 -39.64 17.72
N LEU A 12 -9.42 -40.20 17.53
CA LEU A 12 -8.50 -39.62 16.55
C LEU A 12 -9.14 -39.53 15.17
N ARG A 14 -12.38 -39.18 14.88
CA ARG A 14 -13.34 -38.10 15.11
C ARG A 14 -12.67 -36.74 14.90
N ASP A 15 -11.47 -36.55 15.45
CA ASP A 15 -10.71 -35.33 15.16
C ASP A 15 -10.46 -35.17 13.66
N PHE A 16 -10.07 -36.26 13.00
CA PHE A 16 -9.76 -36.22 11.57
C PHE A 16 -10.95 -35.75 10.74
N LYS A 17 -12.14 -36.28 11.03
CA LYS A 17 -13.36 -35.82 10.33
C LYS A 17 -13.51 -34.30 10.40
N ARG A 18 -13.30 -33.73 11.58
CA ARG A 18 -13.39 -32.28 11.72
C ARG A 18 -12.40 -31.56 10.81
N LYS A 20 -11.17 -32.65 8.11
CA LYS A 20 -11.65 -32.85 6.75
C LYS A 20 -12.84 -31.96 6.40
N GLU A 21 -13.51 -31.38 7.39
CA GLU A 21 -14.70 -30.58 7.10
C GLU A 21 -14.60 -29.14 7.55
N ASP A 22 -14.03 -28.88 8.74
CA ASP A 22 -13.84 -27.51 9.20
C ASP A 22 -12.39 -27.25 9.56
N SER A 23 -11.48 -27.42 8.59
CA SER A 23 -10.07 -27.26 8.88
C SER A 23 -9.76 -25.79 9.16
N PRO A 24 -9.10 -25.47 10.26
CA PRO A 24 -8.82 -24.08 10.56
C PRO A 24 -8.01 -23.43 9.44
N PRO A 25 -8.14 -22.12 9.27
CA PRO A 25 -7.33 -21.41 8.26
C PRO A 25 -5.83 -21.64 8.45
N GLY A 26 -5.18 -22.06 7.39
CA GLY A 26 -3.73 -22.25 7.41
C GLY A 26 -3.31 -23.44 8.26
N VAL A 27 -4.06 -24.53 8.21
CA VAL A 27 -3.78 -25.73 8.98
C VAL A 27 -4.04 -26.95 8.11
N SER A 28 -3.11 -27.90 8.16
CA SER A 28 -3.27 -29.19 7.50
C SER A 28 -2.92 -30.29 8.49
N ALA A 29 -3.62 -31.41 8.39
CA ALA A 29 -3.36 -32.52 9.30
C ALA A 29 -3.96 -33.80 8.72
N SER A 30 -3.15 -34.84 8.64
CA SER A 30 -3.58 -36.14 8.14
C SER A 30 -2.85 -37.27 8.85
N PRO A 31 -3.57 -38.12 9.58
CA PRO A 31 -2.92 -39.30 10.17
C PRO A 31 -2.33 -40.18 9.10
N LEU A 32 -1.19 -40.80 9.41
CA LEU A 32 -0.58 -41.74 8.48
C LEU A 32 -1.62 -42.78 8.07
N PRO A 33 -1.68 -43.14 6.78
CA PRO A 33 -2.76 -44.05 6.33
C PRO A 33 -2.83 -45.36 7.07
N ASP A 34 -1.69 -45.92 7.48
CA ASP A 34 -1.67 -47.16 8.25
C ASP A 34 -1.58 -46.91 9.76
N ASN A 35 -0.62 -46.10 10.21
CA ASN A 35 -0.45 -45.81 11.62
C ASN A 35 -1.29 -44.57 11.94
N VAL A 36 -2.33 -44.75 12.75
CA VAL A 36 -3.29 -43.69 12.99
C VAL A 36 -2.87 -42.94 14.25
N ILE A 38 0.39 -41.47 14.40
CA ILE A 38 1.34 -40.46 13.96
C ILE A 38 0.66 -39.60 12.90
N TRP A 39 0.74 -38.28 13.08
CA TRP A 39 0.06 -37.33 12.20
C TRP A 39 1.07 -36.40 11.55
N ASN A 40 0.87 -36.14 10.26
CA ASN A 40 1.59 -35.08 9.55
C ASN A 40 0.76 -33.81 9.58
N ALA A 41 1.39 -32.71 9.97
CA ALA A 41 0.69 -31.44 10.14
C ALA A 41 1.52 -30.33 9.52
N ILE A 43 1.41 -25.91 9.58
CA ILE A 43 0.86 -24.62 9.94
C ILE A 43 1.44 -23.55 9.04
N ILE A 44 0.61 -22.58 8.66
CA ILE A 44 1.02 -21.42 7.88
C ILE A 44 0.98 -20.22 8.80
N GLY A 45 2.11 -19.53 8.94
CA GLY A 45 2.20 -18.42 9.85
C GLY A 45 1.21 -17.33 9.50
N PRO A 46 0.43 -16.90 10.50
CA PRO A 46 -0.61 -15.90 10.25
C PRO A 46 -0.01 -14.57 9.82
N ALA A 47 -0.87 -13.72 9.26
CA ALA A 47 -0.44 -12.41 8.79
C ALA A 47 -0.17 -11.49 9.98
N ASP A 48 0.63 -10.45 9.73
CA ASP A 48 1.04 -9.49 10.75
C ASP A 48 1.84 -10.16 11.87
N THR A 49 2.53 -11.24 11.54
CA THR A 49 3.46 -11.92 12.43
C THR A 49 4.77 -12.15 11.68
N PRO A 50 5.89 -12.20 12.39
CA PRO A 50 7.18 -12.40 11.69
C PRO A 50 7.25 -13.74 10.96
N TYR A 51 6.39 -14.70 11.30
CA TYR A 51 6.33 -16.00 10.66
C TYR A 51 5.36 -16.01 9.48
N GLU A 52 5.00 -14.83 8.98
CA GLU A 52 3.98 -14.70 7.94
C GLU A 52 4.32 -15.50 6.70
N ASP A 53 3.34 -16.23 6.19
CA ASP A 53 3.43 -16.96 4.92
C ASP A 53 4.49 -18.04 4.94
N GLY A 54 4.89 -18.51 6.13
CA GLY A 54 5.75 -19.67 6.21
C GLY A 54 4.97 -20.97 6.10
N THR A 55 5.63 -21.99 5.59
CA THR A 55 5.03 -23.31 5.44
C THR A 55 5.77 -24.26 6.37
N PHE A 56 5.36 -24.27 7.64
CA PHE A 56 6.04 -25.00 8.70
C PHE A 56 5.38 -26.36 8.90
N ARG A 57 6.18 -27.42 8.80
CA ARG A 57 5.69 -28.79 8.92
C ARG A 57 5.83 -29.30 10.35
N LEU A 58 4.81 -30.01 10.82
CA LEU A 58 4.76 -30.56 12.16
C LEU A 58 4.57 -32.06 12.10
N LEU A 59 4.85 -32.72 13.22
CA LEU A 59 4.67 -34.16 13.37
C LEU A 59 4.04 -34.43 14.73
N LEU A 60 2.79 -34.87 14.73
CA LEU A 60 2.08 -35.16 15.97
C LEU A 60 2.11 -36.64 16.27
N GLU A 61 2.71 -37.02 17.40
CA GLU A 61 2.75 -38.39 17.88
C GLU A 61 1.78 -38.53 19.04
N PHE A 62 0.86 -39.49 18.95
CA PHE A 62 -0.17 -39.66 19.96
C PHE A 62 0.14 -40.83 20.88
N ASP A 63 -0.75 -41.04 21.86
CA ASP A 63 -0.60 -42.12 22.83
C ASP A 63 -1.94 -42.84 22.99
N GLU A 64 -1.87 -44.09 23.44
CA GLU A 64 -3.05 -44.92 23.61
C GLU A 64 -4.06 -44.34 24.61
N GLU A 65 -3.63 -43.39 25.44
CA GLU A 65 -4.51 -42.81 26.45
C GLU A 65 -5.30 -41.60 25.93
N TYR A 66 -4.95 -41.07 24.76
CA TYR A 66 -5.59 -39.88 24.23
C TYR A 66 -7.12 -40.07 24.19
N PRO A 67 -7.91 -39.04 24.53
CA PRO A 67 -7.55 -37.64 24.75
C PRO A 67 -7.15 -37.31 26.18
N ASN A 68 -7.07 -38.32 27.04
CA ASN A 68 -6.70 -38.08 28.43
C ASN A 68 -5.25 -37.64 28.56
N LYS A 69 -4.39 -37.97 27.59
CA LYS A 69 -2.99 -37.58 27.61
C LYS A 69 -2.63 -36.76 26.37
N PRO A 70 -1.81 -35.72 26.52
CA PRO A 70 -1.42 -34.90 25.37
C PRO A 70 -0.56 -35.67 24.40
N PRO A 71 -0.49 -35.23 23.14
CA PRO A 71 0.43 -35.83 22.17
C PRO A 71 1.81 -35.17 22.21
N HIS A 72 2.80 -35.90 21.70
CA HIS A 72 4.11 -35.33 21.47
C HIS A 72 4.12 -34.56 20.15
N VAL A 73 4.58 -33.32 20.18
CA VAL A 73 4.53 -32.44 19.02
C VAL A 73 5.93 -31.94 18.72
N LYS A 74 6.36 -32.11 17.48
CA LYS A 74 7.70 -31.76 17.02
C LYS A 74 7.59 -30.94 15.75
N PHE A 75 8.26 -29.79 15.72
CA PHE A 75 8.38 -29.09 14.46
C PHE A 75 9.36 -29.87 13.58
N LEU A 76 9.03 -30.00 12.30
CA LEU A 76 9.92 -30.64 11.36
C LEU A 76 10.69 -29.63 10.51
N SER A 77 10.04 -28.53 10.15
CA SER A 77 10.73 -27.42 9.52
C SER A 77 11.67 -26.76 10.53
N GLU A 78 12.76 -26.18 10.02
CA GLU A 78 13.65 -25.44 10.91
C GLU A 78 12.91 -24.25 11.51
N PHE A 80 12.79 -20.76 14.51
CA PHE A 80 13.38 -19.75 15.40
C PHE A 80 12.20 -19.13 16.16
N HIS A 81 11.93 -19.69 17.34
CA HIS A 81 10.84 -19.27 18.20
C HIS A 81 11.30 -19.41 19.63
N PRO A 82 10.91 -18.48 20.52
CA PRO A 82 11.31 -18.61 21.92
C PRO A 82 10.85 -19.91 22.58
N ASN A 83 9.75 -20.50 22.12
CA ASN A 83 9.17 -21.66 22.76
C ASN A 83 9.42 -22.96 22.00
N VAL A 84 10.37 -22.97 21.07
CA VAL A 84 10.66 -24.16 20.27
C VAL A 84 12.11 -24.57 20.50
N TYR A 85 12.31 -25.75 21.07
CA TYR A 85 13.66 -26.26 21.29
C TYR A 85 14.34 -26.57 19.95
N ALA A 86 15.66 -26.75 20.01
CA ALA A 86 16.49 -26.87 18.82
C ALA A 86 16.16 -28.09 17.96
N ASN A 87 15.34 -29.02 18.44
CA ASN A 87 14.97 -30.20 17.66
C ASN A 87 13.54 -30.17 17.15
N GLY A 88 12.77 -29.14 17.49
CA GLY A 88 11.41 -29.01 17.02
C GLY A 88 10.37 -29.14 18.10
N GLU A 89 10.76 -29.60 19.29
CA GLU A 89 9.79 -29.84 20.35
C GLU A 89 9.32 -28.50 20.91
N ILE A 90 8.01 -28.36 21.01
CA ILE A 90 7.39 -27.09 21.37
C ILE A 90 7.15 -27.08 22.88
N CYS A 91 7.39 -25.94 23.50
CA CYS A 91 7.16 -25.79 24.95
C CYS A 91 5.88 -24.97 25.12
N LEU A 92 4.77 -25.65 24.87
CA LEU A 92 3.42 -25.09 24.92
C LEU A 92 2.69 -25.58 26.17
N ASP A 93 1.81 -24.73 26.69
CA ASP A 93 1.17 -25.03 27.97
C ASP A 93 0.14 -26.15 27.84
N ILE A 94 -0.74 -26.08 26.84
CA ILE A 94 -1.78 -27.11 26.70
C ILE A 94 -1.18 -28.47 26.36
N LEU A 95 0.07 -28.52 25.93
CA LEU A 95 0.76 -29.77 25.65
C LEU A 95 1.55 -30.29 26.85
N GLN A 96 1.64 -29.52 27.93
CA GLN A 96 2.45 -29.92 29.08
C GLN A 96 1.60 -30.13 30.32
N ASN A 97 1.21 -29.05 30.97
CA ASN A 97 0.54 -29.13 32.27
C ASN A 97 -0.89 -28.57 32.26
N ARG A 98 -1.38 -28.10 31.12
CA ARG A 98 -2.72 -27.54 31.00
C ARG A 98 -3.53 -28.25 29.93
N TRP A 99 -3.31 -29.56 29.80
CA TRP A 99 -4.04 -30.36 28.84
C TRP A 99 -5.50 -30.50 29.24
N THR A 100 -6.29 -31.02 28.30
CA THR A 100 -7.73 -31.16 28.42
C THR A 100 -8.29 -32.08 27.34
N PRO A 101 -9.24 -32.96 27.68
CA PRO A 101 -9.81 -33.83 26.65
C PRO A 101 -10.68 -33.09 25.63
N THR A 102 -11.10 -31.85 25.89
CA THR A 102 -11.86 -31.10 24.89
C THR A 102 -10.98 -30.51 23.80
N TYR A 103 -9.71 -30.87 23.76
CA TYR A 103 -8.77 -30.39 22.76
C TYR A 103 -8.59 -31.48 21.71
N ASP A 104 -9.04 -31.22 20.49
CA ASP A 104 -8.77 -32.11 19.38
C ASP A 104 -7.52 -31.63 18.64
N VAL A 105 -7.24 -32.23 17.48
CA VAL A 105 -6.06 -31.84 16.70
C VAL A 105 -6.12 -30.36 16.33
N ALA A 106 -7.26 -29.91 15.82
CA ALA A 106 -7.42 -28.50 15.45
C ALA A 106 -7.06 -27.58 16.61
N SER A 107 -7.59 -27.88 17.80
CA SER A 107 -7.34 -27.05 18.98
C SER A 107 -5.85 -26.90 19.25
N ILE A 108 -5.08 -27.96 18.99
CA ILE A 108 -3.66 -27.95 19.30
C ILE A 108 -2.88 -27.22 18.20
N LEU A 109 -3.29 -27.40 16.95
CA LEU A 109 -2.60 -26.75 15.84
C LEU A 109 -2.88 -25.25 15.80
N THR A 110 -4.06 -24.81 16.21
CA THR A 110 -4.32 -23.38 16.34
C THR A 110 -3.64 -22.79 17.58
N SER A 111 -3.50 -23.57 18.65
CA SER A 111 -2.79 -23.07 19.82
C SER A 111 -1.30 -22.89 19.52
N ILE A 112 -0.73 -23.78 18.71
CA ILE A 112 0.64 -23.59 18.26
C ILE A 112 0.73 -22.44 17.28
N GLN A 113 -0.26 -22.33 16.39
CA GLN A 113 -0.36 -21.20 15.48
C GLN A 113 -0.31 -19.87 16.23
N SER A 114 -1.11 -19.75 17.29
CA SER A 114 -1.16 -18.50 18.05
C SER A 114 0.16 -18.19 18.75
N LEU A 115 1.05 -19.17 18.93
CA LEU A 115 2.38 -18.89 19.47
C LEU A 115 3.19 -17.97 18.56
N PHE A 116 2.85 -17.93 17.26
CA PHE A 116 3.59 -17.10 16.32
C PHE A 116 3.37 -15.62 16.60
N ASN A 117 2.12 -15.21 16.81
CA ASN A 117 1.85 -13.80 17.04
C ASN A 117 2.34 -13.33 18.40
N ASP A 118 2.13 -14.14 19.45
CA ASP A 118 2.63 -13.81 20.77
C ASP A 118 3.28 -15.03 21.41
N PRO A 119 4.61 -15.12 21.40
CA PRO A 119 5.28 -16.21 22.09
C PRO A 119 5.06 -16.11 23.59
N ASN A 120 5.07 -17.25 24.25
CA ASN A 120 5.02 -17.25 25.70
C ASN A 120 6.41 -16.87 26.21
N PRO A 121 6.58 -15.74 26.90
CA PRO A 121 7.92 -15.38 27.39
C PRO A 121 8.37 -16.21 28.58
N ALA A 122 7.48 -16.99 29.18
CA ALA A 122 7.83 -17.70 30.42
C ALA A 122 8.84 -18.81 30.16
N SER A 123 8.73 -19.53 29.04
CA SER A 123 9.60 -20.67 28.77
C SER A 123 10.54 -20.39 27.62
N PRO A 124 11.76 -19.96 27.87
CA PRO A 124 12.68 -19.76 26.75
C PRO A 124 13.36 -21.05 26.37
N ALA A 125 12.74 -21.82 25.48
CA ALA A 125 13.42 -22.97 24.89
C ALA A 125 14.62 -22.51 24.08
N ASN A 126 14.44 -21.43 23.33
CA ASN A 126 15.47 -20.80 22.52
C ASN A 126 15.84 -19.48 23.20
N VAL A 127 16.93 -19.51 23.98
CA VAL A 127 17.32 -18.35 24.78
C VAL A 127 17.59 -17.15 23.87
N GLU A 128 18.18 -17.39 22.70
CA GLU A 128 18.43 -16.30 21.76
C GLU A 128 17.13 -15.70 21.24
N ALA A 129 16.22 -16.55 20.76
CA ALA A 129 14.92 -16.07 20.28
C ALA A 129 14.18 -15.27 21.35
N ALA A 130 14.27 -15.70 22.61
CA ALA A 130 13.56 -15.00 23.68
C ALA A 130 14.18 -13.64 23.95
N THR A 131 15.52 -13.57 24.00
CA THR A 131 16.17 -12.30 24.27
C THR A 131 16.09 -11.35 23.07
N LEU A 132 16.01 -11.89 21.87
CA LEU A 132 15.74 -11.06 20.69
C LEU A 132 14.32 -10.51 20.74
N PHE A 133 13.33 -11.37 21.01
CA PHE A 133 11.95 -10.92 21.01
C PHE A 133 11.64 -9.90 22.11
N GLN A 134 12.42 -9.90 23.20
CA GLN A 134 12.09 -8.97 24.30
C GLN A 134 12.75 -7.61 24.13
N ASP A 135 13.99 -7.55 23.65
CA ASP A 135 14.70 -6.27 23.57
C ASP A 135 14.95 -5.81 22.14
N HIS A 136 15.50 -6.65 21.28
CA HIS A 136 15.89 -6.28 19.93
C HIS A 136 14.90 -6.89 18.93
N LYS A 137 13.74 -6.26 18.81
CA LYS A 137 12.66 -6.82 18.00
C LYS A 137 12.92 -6.73 16.51
N SER A 138 13.62 -5.68 16.06
CA SER A 138 13.90 -5.56 14.62
C SER A 138 14.83 -6.67 14.15
N GLN A 139 15.82 -7.03 14.96
CA GLN A 139 16.70 -8.13 14.60
C GLN A 139 16.00 -9.47 14.74
N TYR A 140 15.01 -9.55 15.63
CA TYR A 140 14.20 -10.75 15.77
C TYR A 140 13.48 -11.09 14.47
N VAL A 141 12.75 -10.12 13.92
CA VAL A 141 12.00 -10.37 12.68
C VAL A 141 12.94 -10.71 11.53
N LYS A 142 14.12 -10.06 11.49
CA LYS A 142 15.12 -10.40 10.49
C LYS A 142 15.49 -11.88 10.53
N ARG A 143 15.62 -12.44 11.74
CA ARG A 143 16.04 -13.83 11.89
C ARG A 143 14.88 -14.80 11.70
N VAL A 144 13.67 -14.42 12.11
CA VAL A 144 12.51 -15.28 11.91
C VAL A 144 12.25 -15.50 10.43
N LYS A 145 12.40 -14.44 9.62
CA LYS A 145 12.08 -14.54 8.20
C LYS A 145 13.05 -15.46 7.46
N GLU A 146 14.24 -15.70 8.01
CA GLU A 146 15.17 -16.62 7.36
C GLU A 146 14.70 -18.07 7.49
N THR A 147 13.91 -18.38 8.51
CA THR A 147 13.29 -19.71 8.60
C THR A 147 12.02 -19.78 7.77
N VAL A 148 11.31 -18.67 7.62
CA VAL A 148 10.16 -18.61 6.72
C VAL A 148 10.58 -18.97 5.30
N GLU A 149 11.76 -18.48 4.88
CA GLU A 149 12.25 -18.78 3.55
C GLU A 149 12.62 -20.26 3.40
N LYS A 150 13.26 -20.83 4.42
CA LYS A 150 13.65 -22.24 4.34
C LYS A 150 12.44 -23.15 4.26
N SER A 151 11.35 -22.81 4.97
CA SER A 151 10.17 -23.66 5.02
C SER A 151 9.60 -23.94 3.63
N TRP A 152 9.81 -23.03 2.69
CA TRP A 152 9.27 -23.17 1.35
C TRP A 152 9.94 -24.30 0.55
N GLU A 153 11.16 -24.69 0.92
CA GLU A 153 11.90 -25.68 0.13
C GLU A 153 11.15 -27.00 0.01
N ASP A 154 10.48 -27.41 1.09
CA ASP A 154 9.83 -28.72 1.10
C ASP A 154 8.65 -28.72 0.14
N ASP A 155 8.53 -29.79 -0.65
CA ASP A 155 7.50 -29.92 -1.67
C ASP A 155 6.16 -30.40 -1.13
N GLU A 157 5.31 -33.18 0.10
CA GLU A 157 4.98 -34.56 -0.24
C GLU A 157 4.18 -35.21 0.89
N ASP A 158 4.33 -34.72 2.12
CA ASP A 158 3.61 -35.26 3.25
C ASP A 158 2.10 -35.01 3.19
N ALA A 160 0.08 -35.44 0.28
CA ALA A 160 -0.58 -36.07 -0.86
C ALA A 160 -1.52 -37.16 -0.40
N ASP A 161 -2.20 -37.79 -1.35
CA ASP A 161 -3.12 -38.89 -1.06
C ASP A 161 -2.58 -40.20 -1.61
N SER B 2 -35.80 7.30 -64.23
CA SER B 2 -34.97 7.98 -65.23
C SER B 2 -33.66 7.23 -65.44
N HIS B 3 -33.28 7.11 -66.71
CA HIS B 3 -32.02 6.49 -67.11
C HIS B 3 -31.01 7.50 -67.65
N SER B 5 -28.25 10.47 -68.27
CA SER B 5 -26.97 10.72 -67.61
C SER B 5 -26.74 12.20 -67.39
N THR B 6 -25.88 12.50 -66.40
CA THR B 6 -25.56 13.84 -65.91
C THR B 6 -24.36 13.69 -64.97
N PRO B 7 -23.36 14.60 -65.00
CA PRO B 7 -22.09 14.37 -64.26
C PRO B 7 -22.23 13.99 -62.79
N ALA B 8 -23.12 14.64 -62.04
CA ALA B 8 -23.29 14.26 -60.64
C ALA B 8 -23.78 12.82 -60.53
N ARG B 9 -24.87 12.51 -61.23
CA ARG B 9 -25.40 11.15 -61.26
C ARG B 9 -24.35 10.14 -61.71
N ARG B 10 -23.48 10.54 -62.64
CA ARG B 10 -22.42 9.64 -63.10
C ARG B 10 -21.60 9.13 -61.92
N ARG B 11 -21.12 10.04 -61.08
CA ARG B 11 -20.39 9.63 -59.88
C ARG B 11 -21.33 9.01 -58.85
N LEU B 12 -22.49 9.64 -58.63
CA LEU B 12 -23.41 9.16 -57.61
C LEU B 12 -23.81 7.71 -57.84
N ARG B 14 -22.11 5.52 -59.56
CA ARG B 14 -20.91 4.74 -59.29
C ARG B 14 -20.68 4.57 -57.80
N ASP B 15 -20.84 5.66 -57.04
CA ASP B 15 -20.79 5.57 -55.58
C ASP B 15 -21.79 4.55 -55.06
N PHE B 16 -23.00 4.55 -55.62
CA PHE B 16 -24.02 3.58 -55.24
C PHE B 16 -23.53 2.16 -55.48
N LYS B 17 -23.03 1.89 -56.69
CA LYS B 17 -22.53 0.57 -57.04
C LYS B 17 -21.49 0.08 -56.04
N ARG B 18 -20.54 0.95 -55.69
CA ARG B 18 -19.55 0.59 -54.68
C ARG B 18 -20.21 0.26 -53.35
N LYS B 20 -23.42 -0.56 -53.06
CA LYS B 20 -24.52 -1.52 -53.25
C LYS B 20 -24.08 -2.94 -52.92
N GLU B 21 -22.79 -3.25 -53.09
CA GLU B 21 -22.25 -4.57 -52.84
C GLU B 21 -21.00 -4.59 -51.98
N ASP B 22 -20.19 -3.52 -51.99
CA ASP B 22 -18.99 -3.47 -51.16
C ASP B 22 -19.19 -2.43 -50.07
N SER B 23 -20.26 -2.60 -49.29
CA SER B 23 -20.60 -1.66 -48.24
C SER B 23 -19.60 -1.77 -47.09
N PRO B 24 -19.01 -0.67 -46.65
CA PRO B 24 -18.06 -0.73 -45.55
C PRO B 24 -18.71 -1.31 -44.32
N PRO B 25 -17.93 -1.93 -43.42
CA PRO B 25 -18.50 -2.41 -42.16
C PRO B 25 -19.22 -1.29 -41.40
N GLY B 26 -20.48 -1.56 -41.05
CA GLY B 26 -21.28 -0.63 -40.28
C GLY B 26 -21.71 0.62 -41.03
N VAL B 27 -22.02 0.49 -42.32
CA VAL B 27 -22.49 1.62 -43.13
C VAL B 27 -23.59 1.11 -44.04
N SER B 28 -24.73 1.81 -44.04
CA SER B 28 -25.80 1.51 -44.98
C SER B 28 -26.35 2.82 -45.55
N ALA B 29 -26.73 2.77 -46.83
CA ALA B 29 -27.23 3.94 -47.53
C ALA B 29 -27.92 3.53 -48.83
N SER B 30 -29.11 4.07 -49.09
CA SER B 30 -29.86 3.73 -50.30
C SER B 30 -30.55 4.97 -50.83
N PRO B 31 -30.23 5.40 -52.05
CA PRO B 31 -30.93 6.55 -52.64
C PRO B 31 -32.43 6.32 -52.71
N LEU B 32 -33.18 7.39 -52.50
CA LEU B 32 -34.64 7.32 -52.55
C LEU B 32 -35.08 6.66 -53.86
N PRO B 33 -36.12 5.82 -53.82
CA PRO B 33 -36.49 5.04 -55.01
C PRO B 33 -36.70 5.88 -56.27
N ASP B 34 -37.26 7.08 -56.14
CA ASP B 34 -37.42 7.96 -57.29
C ASP B 34 -36.33 9.03 -57.38
N ASN B 35 -36.09 9.77 -56.30
CA ASN B 35 -35.12 10.86 -56.30
C ASN B 35 -33.76 10.31 -55.88
N VAL B 36 -32.80 10.33 -56.81
CA VAL B 36 -31.51 9.72 -56.58
C VAL B 36 -30.51 10.76 -56.09
N ILE B 38 -31.20 12.89 -52.76
CA ILE B 38 -31.24 12.76 -51.31
C ILE B 38 -31.26 11.28 -50.96
N TRP B 39 -30.44 10.89 -49.99
CA TRP B 39 -30.19 9.49 -49.68
C TRP B 39 -30.67 9.12 -48.29
N ASN B 40 -31.27 7.94 -48.19
CA ASN B 40 -31.61 7.36 -46.90
C ASN B 40 -30.43 6.53 -46.43
N ALA B 41 -29.94 6.80 -45.22
CA ALA B 41 -28.74 6.13 -44.75
C ALA B 41 -28.88 5.76 -43.27
N ILE B 43 -25.76 4.84 -40.09
CA ILE B 43 -24.42 4.50 -39.62
C ILE B 43 -24.55 3.70 -38.33
N ILE B 44 -23.66 2.72 -38.15
CA ILE B 44 -23.59 1.94 -36.92
C ILE B 44 -22.33 2.34 -36.17
N GLY B 45 -22.49 2.80 -34.94
CA GLY B 45 -21.39 3.25 -34.14
C GLY B 45 -20.36 2.16 -33.89
N PRO B 46 -19.10 2.45 -34.20
CA PRO B 46 -18.05 1.44 -34.04
C PRO B 46 -17.85 1.06 -32.57
N ALA B 47 -17.20 -0.07 -32.39
CA ALA B 47 -16.93 -0.61 -31.06
C ALA B 47 -15.81 0.17 -30.38
N ASP B 48 -15.78 0.06 -29.05
CA ASP B 48 -14.80 0.73 -28.20
C ASP B 48 -14.87 2.25 -28.32
N THR B 49 -16.05 2.75 -28.66
CA THR B 49 -16.39 4.16 -28.67
C THR B 49 -17.72 4.34 -27.93
N PRO B 50 -17.96 5.52 -27.36
CA PRO B 50 -19.21 5.70 -26.61
C PRO B 50 -20.47 5.53 -27.45
N TYR B 51 -20.36 5.56 -28.77
CA TYR B 51 -21.51 5.37 -29.64
C TYR B 51 -21.70 3.92 -30.06
N GLU B 52 -21.09 2.99 -29.33
CA GLU B 52 -21.08 1.58 -29.71
C GLU B 52 -22.48 1.02 -29.88
N ASP B 53 -22.70 0.30 -30.99
CA ASP B 53 -23.93 -0.44 -31.26
C ASP B 53 -25.15 0.45 -31.41
N GLY B 54 -24.96 1.74 -31.73
CA GLY B 54 -26.08 2.60 -32.05
C GLY B 54 -26.54 2.45 -33.49
N THR B 55 -27.83 2.66 -33.71
CA THR B 55 -28.45 2.60 -35.03
C THR B 55 -28.95 4.00 -35.39
N PHE B 56 -28.04 4.82 -35.92
CA PHE B 56 -28.32 6.22 -36.19
C PHE B 56 -28.72 6.40 -37.65
N ARG B 57 -29.88 7.01 -37.87
CA ARG B 57 -30.40 7.18 -39.23
C ARG B 57 -29.96 8.53 -39.78
N LEU B 58 -29.57 8.52 -41.05
CA LEU B 58 -29.08 9.71 -41.72
C LEU B 58 -29.89 10.03 -42.96
N LEU B 59 -29.89 11.32 -43.34
CA LEU B 59 -30.46 11.79 -44.60
C LEU B 59 -29.56 12.94 -45.07
N LEU B 60 -28.70 12.64 -46.04
CA LEU B 60 -27.75 13.60 -46.59
C LEU B 60 -28.21 14.03 -47.97
N GLU B 61 -28.30 15.34 -48.19
CA GLU B 61 -28.78 15.89 -49.44
C GLU B 61 -27.61 16.28 -50.33
N PHE B 62 -27.64 15.83 -51.58
CA PHE B 62 -26.59 16.07 -52.56
C PHE B 62 -26.99 17.25 -53.45
N ASP B 63 -26.09 17.61 -54.36
CA ASP B 63 -26.34 18.67 -55.32
C ASP B 63 -25.85 18.20 -56.69
N GLU B 64 -26.37 18.85 -57.75
CA GLU B 64 -25.97 18.52 -59.11
C GLU B 64 -24.48 18.74 -59.35
N GLU B 65 -23.81 19.47 -58.46
CA GLU B 65 -22.39 19.75 -58.63
C GLU B 65 -21.50 18.70 -57.98
N TYR B 66 -22.06 17.86 -57.11
CA TYR B 66 -21.30 16.81 -56.46
C TYR B 66 -20.62 15.95 -57.52
N PRO B 67 -19.37 15.52 -57.32
CA PRO B 67 -18.53 15.56 -56.11
C PRO B 67 -17.64 16.80 -55.92
N ASN B 68 -17.76 17.85 -56.74
CA ASN B 68 -16.84 18.97 -56.61
C ASN B 68 -17.03 19.69 -55.27
N LYS B 69 -18.24 19.66 -54.72
CA LYS B 69 -18.54 20.23 -53.41
C LYS B 69 -19.22 19.17 -52.56
N PRO B 70 -18.94 19.15 -51.26
CA PRO B 70 -19.56 18.14 -50.39
C PRO B 70 -21.06 18.34 -50.30
N PRO B 71 -21.80 17.30 -49.94
CA PRO B 71 -23.24 17.43 -49.76
C PRO B 71 -23.62 17.90 -48.36
N HIS B 72 -24.86 18.39 -48.24
CA HIS B 72 -25.42 18.69 -46.95
C HIS B 72 -25.92 17.41 -46.32
N VAL B 73 -25.53 17.17 -45.06
CA VAL B 73 -25.82 15.92 -44.36
C VAL B 73 -26.54 16.28 -43.07
N LYS B 74 -27.71 15.66 -42.84
CA LYS B 74 -28.51 15.97 -41.68
C LYS B 74 -28.94 14.68 -41.00
N PHE B 75 -28.63 14.57 -39.71
CA PHE B 75 -29.06 13.44 -38.89
C PHE B 75 -30.54 13.50 -38.57
N LEU B 76 -31.18 12.34 -38.57
CA LEU B 76 -32.58 12.23 -38.15
C LEU B 76 -32.74 11.68 -36.74
N SER B 77 -31.91 10.73 -36.33
CA SER B 77 -31.90 10.28 -34.94
C SER B 77 -31.32 11.36 -34.04
N GLU B 78 -31.77 11.39 -32.79
CA GLU B 78 -31.22 12.33 -31.82
C GLU B 78 -29.74 12.01 -31.57
N PHE B 80 -25.65 13.34 -30.01
CA PHE B 80 -24.87 14.12 -29.05
C PHE B 80 -23.41 13.99 -29.48
N HIS B 81 -22.96 14.93 -30.32
CA HIS B 81 -21.62 14.95 -30.86
C HIS B 81 -21.22 16.42 -30.99
N PRO B 82 -19.97 16.76 -30.72
CA PRO B 82 -19.54 18.16 -30.89
C PRO B 82 -19.71 18.69 -32.30
N ASN B 83 -19.67 17.82 -33.32
CA ASN B 83 -19.69 18.25 -34.72
C ASN B 83 -21.04 18.03 -35.38
N VAL B 84 -22.10 17.82 -34.60
CA VAL B 84 -23.44 17.62 -35.12
C VAL B 84 -24.34 18.71 -34.55
N TYR B 85 -24.86 19.57 -35.42
CA TYR B 85 -25.76 20.63 -34.99
C TYR B 85 -27.08 20.05 -34.48
N ALA B 86 -27.86 20.90 -33.79
CA ALA B 86 -29.06 20.46 -33.11
C ALA B 86 -30.10 19.87 -34.04
N ASN B 87 -29.96 20.03 -35.35
CA ASN B 87 -30.88 19.43 -36.30
C ASN B 87 -30.25 18.28 -37.06
N GLY B 88 -28.96 18.00 -36.85
CA GLY B 88 -28.29 16.88 -37.47
C GLY B 88 -27.18 17.24 -38.44
N GLU B 89 -27.05 18.49 -38.85
CA GLU B 89 -26.07 18.82 -39.87
C GLU B 89 -24.65 18.77 -39.30
N ILE B 90 -23.74 18.13 -40.04
CA ILE B 90 -22.39 17.80 -39.58
C ILE B 90 -21.38 18.87 -40.00
N CYS B 91 -20.49 19.20 -39.06
CA CYS B 91 -19.44 20.21 -39.21
C CYS B 91 -18.06 19.55 -39.28
N LEU B 92 -17.65 19.16 -40.49
CA LEU B 92 -16.32 18.55 -40.65
C LEU B 92 -15.34 19.57 -41.20
N PRO B 101 -12.72 16.20 -53.18
CA PRO B 101 -13.35 15.80 -54.44
C PRO B 101 -13.15 14.32 -54.73
N THR B 102 -12.16 13.73 -54.08
CA THR B 102 -11.92 12.30 -54.12
C THR B 102 -12.81 11.56 -53.13
N TYR B 103 -13.79 12.24 -52.55
CA TYR B 103 -14.63 11.69 -51.50
C TYR B 103 -15.97 11.27 -52.12
N ASP B 104 -16.22 9.97 -52.16
CA ASP B 104 -17.50 9.44 -52.57
C ASP B 104 -18.33 9.18 -51.32
N VAL B 105 -19.45 8.46 -51.48
CA VAL B 105 -20.31 8.17 -50.33
C VAL B 105 -19.51 7.46 -49.24
N ALA B 106 -18.75 6.43 -49.62
CA ALA B 106 -17.95 5.69 -48.64
C ALA B 106 -16.99 6.59 -47.87
N SER B 107 -16.24 7.43 -48.59
CA SER B 107 -15.16 8.18 -47.96
C SER B 107 -15.64 9.05 -46.81
N ILE B 108 -16.78 9.69 -46.96
CA ILE B 108 -17.22 10.60 -45.90
C ILE B 108 -18.00 9.89 -44.79
N LEU B 109 -18.79 8.87 -45.14
CA LEU B 109 -19.52 8.14 -44.10
C LEU B 109 -18.57 7.37 -43.19
N THR B 110 -17.43 6.93 -43.72
CA THR B 110 -16.37 6.40 -42.87
C THR B 110 -15.64 7.54 -42.14
N SER B 111 -15.54 8.71 -42.78
CA SER B 111 -14.94 9.85 -42.10
C SER B 111 -15.84 10.36 -40.98
N ILE B 112 -17.15 10.32 -41.19
CA ILE B 112 -18.09 10.63 -40.11
C ILE B 112 -18.08 9.52 -39.07
N GLN B 113 -18.00 8.27 -39.53
CA GLN B 113 -17.83 7.14 -38.61
C GLN B 113 -16.61 7.36 -37.72
N SER B 114 -15.48 7.73 -38.32
CA SER B 114 -14.27 7.99 -37.55
C SER B 114 -14.41 9.19 -36.63
N LEU B 115 -15.39 10.06 -36.88
CA LEU B 115 -15.64 11.17 -35.96
C LEU B 115 -16.07 10.68 -34.59
N PHE B 116 -16.62 9.47 -34.49
CA PHE B 116 -17.07 8.95 -33.21
C PHE B 116 -15.88 8.67 -32.30
N ASN B 117 -14.88 7.95 -32.82
CA ASN B 117 -13.69 7.65 -32.02
C ASN B 117 -12.83 8.89 -31.84
N ASP B 118 -12.71 9.71 -32.88
CA ASP B 118 -11.92 10.94 -32.84
C ASP B 118 -12.75 12.10 -33.41
N PRO B 119 -13.30 12.96 -32.54
CA PRO B 119 -14.04 14.13 -33.04
C PRO B 119 -13.15 15.09 -33.81
N ASN B 120 -13.77 15.81 -34.75
CA ASN B 120 -13.06 16.82 -35.53
C ASN B 120 -12.80 18.07 -34.70
N PRO B 121 -11.58 18.60 -34.69
CA PRO B 121 -11.29 19.80 -33.89
C PRO B 121 -12.01 21.05 -34.35
N ALA B 122 -12.75 21.00 -35.45
CA ALA B 122 -13.37 22.19 -36.00
C ALA B 122 -14.42 22.77 -35.03
N SER B 123 -14.91 23.97 -35.38
CA SER B 123 -15.88 24.78 -34.65
C SER B 123 -16.95 23.92 -34.01
N PRO B 124 -17.09 23.96 -32.68
CA PRO B 124 -18.06 23.09 -32.00
C PRO B 124 -19.50 23.43 -32.32
N ALA B 125 -20.09 22.65 -33.23
CA ALA B 125 -21.50 22.79 -33.53
C ALA B 125 -22.37 22.60 -32.30
N ASN B 126 -22.06 21.61 -31.47
CA ASN B 126 -22.76 21.35 -30.21
C ASN B 126 -21.76 21.70 -29.11
N VAL B 127 -21.84 22.95 -28.62
CA VAL B 127 -20.81 23.44 -27.70
C VAL B 127 -20.84 22.65 -26.39
N GLU B 128 -22.02 22.28 -25.91
CA GLU B 128 -22.08 21.50 -24.68
C GLU B 128 -21.46 20.13 -24.87
N ALA B 129 -21.82 19.43 -25.95
CA ALA B 129 -21.19 18.15 -26.26
C ALA B 129 -19.68 18.31 -26.36
N ALA B 130 -19.21 19.42 -26.94
CA ALA B 130 -17.78 19.64 -27.08
C ALA B 130 -17.14 19.98 -25.73
N THR B 131 -17.78 20.84 -24.95
CA THR B 131 -17.21 21.23 -23.66
C THR B 131 -17.35 20.13 -22.63
N LEU B 132 -18.38 19.28 -22.75
CA LEU B 132 -18.45 18.09 -21.90
C LEU B 132 -17.34 17.10 -22.28
N PHE B 133 -17.15 16.88 -23.58
CA PHE B 133 -16.13 15.95 -24.05
C PHE B 133 -14.72 16.44 -23.70
N GLN B 134 -14.56 17.75 -23.44
CA GLN B 134 -13.24 18.30 -23.15
C GLN B 134 -12.88 18.21 -21.67
N ASP B 135 -13.83 18.48 -20.77
CA ASP B 135 -13.55 18.53 -19.35
C ASP B 135 -14.20 17.39 -18.58
N HIS B 136 -15.51 17.19 -18.74
CA HIS B 136 -16.24 16.19 -17.97
C HIS B 136 -16.57 15.02 -18.89
N LYS B 137 -15.56 14.19 -19.16
CA LYS B 137 -15.72 13.12 -20.13
C LYS B 137 -16.62 12.02 -19.61
N SER B 138 -16.62 11.78 -18.30
CA SER B 138 -17.49 10.75 -17.73
C SER B 138 -18.96 11.14 -17.91
N GLN B 139 -19.28 12.42 -17.77
CA GLN B 139 -20.64 12.89 -18.01
C GLN B 139 -20.97 12.91 -19.49
N TYR B 140 -19.95 13.09 -20.34
CA TYR B 140 -20.14 13.03 -21.78
C TYR B 140 -20.66 11.66 -22.21
N VAL B 141 -19.98 10.59 -21.80
CA VAL B 141 -20.39 9.24 -22.18
C VAL B 141 -21.79 8.93 -21.66
N LYS B 142 -22.13 9.43 -20.47
CA LYS B 142 -23.47 9.23 -19.93
C LYS B 142 -24.53 9.73 -20.90
N ARG B 143 -24.30 10.86 -21.56
CA ARG B 143 -25.29 11.42 -22.48
C ARG B 143 -25.22 10.77 -23.86
N VAL B 144 -24.04 10.39 -24.32
CA VAL B 144 -23.94 9.71 -25.60
C VAL B 144 -24.65 8.36 -25.56
N LYS B 145 -24.46 7.61 -24.48
CA LYS B 145 -25.03 6.27 -24.39
C LYS B 145 -26.55 6.31 -24.25
N GLU B 146 -27.10 7.39 -23.71
CA GLU B 146 -28.56 7.48 -23.61
C GLU B 146 -29.20 7.78 -24.95
N THR B 147 -28.45 8.36 -25.89
CA THR B 147 -28.95 8.51 -27.25
C THR B 147 -28.79 7.23 -28.06
N VAL B 148 -27.78 6.41 -27.73
CA VAL B 148 -27.66 5.08 -28.33
C VAL B 148 -28.91 4.27 -28.05
N GLU B 149 -29.47 4.41 -26.85
CA GLU B 149 -30.72 3.70 -26.53
C GLU B 149 -31.87 4.23 -27.38
N LYS B 150 -31.91 5.56 -27.60
CA LYS B 150 -32.97 6.14 -28.41
C LYS B 150 -32.95 5.62 -29.83
N SER B 151 -31.74 5.43 -30.38
CA SER B 151 -31.61 4.97 -31.76
C SER B 151 -32.31 3.63 -31.97
N TRP B 152 -32.39 2.80 -30.94
CA TRP B 152 -32.96 1.46 -31.09
C TRP B 152 -34.48 1.50 -31.28
N GLU B 153 -35.15 2.56 -30.86
CA GLU B 153 -36.62 2.57 -30.88
C GLU B 153 -37.15 2.40 -32.30
N ASP B 154 -36.53 3.06 -33.29
CA ASP B 154 -37.01 2.98 -34.67
C ASP B 154 -36.65 1.62 -35.29
N ASP B 155 -37.62 1.02 -35.98
CA ASP B 155 -37.41 -0.30 -36.58
C ASP B 155 -36.77 -0.26 -37.96
N GLU B 157 -37.43 1.40 -41.19
CA GLU B 157 -38.21 1.08 -42.38
C GLU B 157 -37.66 1.74 -43.64
N ASP B 158 -36.89 2.82 -43.51
CA ASP B 158 -36.42 3.54 -44.69
C ASP B 158 -35.48 2.73 -45.57
N ALA B 160 -36.05 -0.26 -46.65
CA ALA B 160 -36.84 -1.27 -47.34
C ALA B 160 -37.03 -0.92 -48.81
N GLU C 12 -6.11 -21.22 -10.66
CA GLU C 12 -5.55 -22.55 -10.51
C GLU C 12 -5.45 -22.96 -9.05
N LEU C 13 -6.59 -22.99 -8.37
CA LEU C 13 -6.67 -23.35 -6.95
C LEU C 13 -7.91 -24.21 -6.75
N SER C 14 -8.23 -24.50 -5.48
CA SER C 14 -9.32 -25.42 -5.12
C SER C 14 -10.34 -24.71 -4.23
N ASP C 15 -11.24 -25.50 -3.67
CA ASP C 15 -12.39 -24.92 -2.98
C ASP C 15 -11.97 -24.49 -1.56
N PRO C 16 -12.49 -23.35 -1.08
CA PRO C 16 -12.02 -22.83 0.22
C PRO C 16 -12.37 -23.73 1.41
N SER C 17 -13.67 -23.99 1.62
CA SER C 17 -14.11 -24.79 2.77
C SER C 17 -13.72 -26.25 2.62
N GLU C 18 -12.45 -26.51 2.34
CA GLU C 18 -11.90 -27.84 2.16
C GLU C 18 -10.49 -27.86 2.73
N PRO C 19 -10.01 -29.01 3.18
CA PRO C 19 -8.60 -29.09 3.59
C PRO C 19 -7.73 -28.81 2.38
N LEU C 20 -6.50 -28.37 2.62
CA LEU C 20 -5.68 -27.89 1.52
C LEU C 20 -5.07 -29.07 0.78
N THR C 21 -4.38 -28.78 -0.32
CA THR C 21 -3.82 -29.80 -1.19
C THR C 21 -2.33 -29.57 -1.35
N GLN C 22 -1.64 -30.57 -1.91
CA GLN C 22 -0.25 -30.38 -2.25
C GLN C 22 -0.10 -29.35 -3.35
N LYS C 23 -1.07 -29.30 -4.26
CA LYS C 23 -1.08 -28.28 -5.31
C LYS C 23 -1.39 -26.91 -4.72
N ASP C 24 -2.30 -26.83 -3.75
CA ASP C 24 -2.67 -25.52 -3.22
C ASP C 24 -1.58 -24.93 -2.34
N VAL C 25 -0.66 -25.76 -1.81
CA VAL C 25 0.39 -25.22 -0.98
C VAL C 25 1.63 -24.88 -1.83
N ILE C 26 1.89 -25.67 -2.89
CA ILE C 26 2.96 -25.31 -3.82
C ILE C 26 2.63 -23.98 -4.47
N ALA C 27 1.35 -23.72 -4.71
CA ALA C 27 0.95 -22.45 -5.31
C ALA C 27 1.03 -21.32 -4.29
N PHE C 28 0.88 -21.64 -3.00
CA PHE C 28 1.03 -20.63 -1.97
C PHE C 28 2.51 -20.30 -1.76
N GLN C 29 3.39 -21.29 -1.93
CA GLN C 29 4.82 -21.04 -1.79
C GLN C 29 5.35 -20.20 -2.94
N LYS C 30 4.94 -20.50 -4.17
CA LYS C 30 5.45 -19.76 -5.32
C LYS C 30 5.00 -18.31 -5.26
N GLU C 31 3.70 -18.08 -5.02
CA GLU C 31 3.21 -16.72 -4.88
C GLU C 31 3.87 -16.01 -3.71
N ALA C 32 4.21 -16.76 -2.64
CA ALA C 32 4.93 -16.18 -1.52
C ALA C 32 6.41 -15.96 -1.84
N LEU C 33 7.01 -16.88 -2.60
CA LEU C 33 8.40 -16.69 -3.03
C LEU C 33 8.54 -15.43 -3.88
N PHE C 34 7.53 -15.12 -4.70
CA PHE C 34 7.60 -13.92 -5.52
C PHE C 34 7.51 -12.66 -4.66
N ARG C 35 6.56 -12.63 -3.71
CA ARG C 35 6.42 -11.47 -2.84
C ARG C 35 7.71 -11.22 -2.06
N CYS C 36 8.36 -12.28 -1.58
CA CYS C 36 9.64 -12.12 -0.91
C CYS C 36 10.70 -11.67 -1.89
N LEU C 37 10.70 -12.23 -3.11
CA LEU C 37 11.60 -11.78 -4.16
C LEU C 37 11.41 -10.29 -4.43
N ASN C 38 10.16 -9.84 -4.49
CA ASN C 38 9.90 -8.43 -4.81
C ASN C 38 10.36 -7.53 -3.68
N LYS C 39 10.11 -7.92 -2.43
CA LYS C 39 10.55 -7.14 -1.27
C LYS C 39 12.07 -6.97 -1.27
N TRP C 40 12.80 -7.99 -1.69
CA TRP C 40 14.26 -7.87 -1.78
C TRP C 40 14.65 -7.02 -2.98
N ARG C 41 13.95 -7.19 -4.11
CA ARG C 41 14.25 -6.43 -5.32
C ARG C 41 14.08 -4.93 -5.09
N VAL C 42 13.03 -4.54 -4.36
CA VAL C 42 12.82 -3.11 -4.11
C VAL C 42 13.85 -2.58 -3.13
N LYS C 43 14.22 -3.40 -2.14
CA LYS C 43 15.24 -3.00 -1.18
C LYS C 43 16.61 -2.84 -1.84
N ALA C 44 16.91 -3.69 -2.83
CA ALA C 44 18.21 -3.59 -3.52
C ALA C 44 18.27 -2.38 -4.43
N ASN C 45 17.15 -2.03 -5.08
CA ASN C 45 17.17 -0.90 -6.00
C ASN C 45 17.24 0.42 -5.25
N GLN C 46 16.53 0.54 -4.13
CA GLN C 46 16.62 1.75 -3.32
C GLN C 46 18.04 1.99 -2.84
N LEU C 47 18.81 0.93 -2.60
CA LEU C 47 20.15 1.07 -2.05
C LEU C 47 21.18 1.52 -3.08
N VAL C 48 21.03 1.12 -4.35
CA VAL C 48 21.98 1.57 -5.36
C VAL C 48 21.82 3.07 -5.61
N GLU C 49 20.58 3.56 -5.59
CA GLU C 49 20.34 4.99 -5.69
C GLU C 49 20.99 5.74 -4.53
N GLU C 50 20.82 5.25 -3.30
CA GLU C 50 21.49 5.85 -2.16
C GLU C 50 23.00 5.62 -2.19
N ASN C 51 23.45 4.48 -2.72
CA ASN C 51 24.88 4.21 -2.71
C ASN C 51 25.63 5.10 -3.69
N GLU C 52 25.06 5.38 -4.87
CA GLU C 52 25.72 6.30 -5.79
C GLU C 52 25.70 7.72 -5.23
N VAL C 53 24.55 8.17 -4.72
CA VAL C 53 24.49 9.52 -4.14
C VAL C 53 25.44 9.63 -2.95
N LEU C 54 25.68 8.52 -2.25
CA LEU C 54 26.65 8.53 -1.16
C LEU C 54 28.08 8.55 -1.68
N ALA C 55 28.38 7.67 -2.64
CA ALA C 55 29.73 7.63 -3.22
C ALA C 55 30.04 8.90 -4.01
N ALA C 56 29.02 9.56 -4.56
CA ALA C 56 29.24 10.84 -5.21
C ALA C 56 29.54 11.92 -4.18
N GLY C 57 28.66 12.07 -3.18
CA GLY C 57 28.87 13.04 -2.12
C GLY C 57 30.10 12.78 -1.29
N LEU C 58 30.58 11.53 -1.26
CA LEU C 58 31.80 11.24 -0.52
C LEU C 58 33.02 11.75 -1.25
N SER C 59 33.00 11.73 -2.58
CA SER C 59 34.10 12.29 -3.35
C SER C 59 34.03 13.81 -3.40
N LYS C 60 32.82 14.36 -3.53
CA LYS C 60 32.63 15.81 -3.58
C LYS C 60 33.06 16.50 -2.29
N THR C 61 33.03 15.79 -1.15
CA THR C 61 33.44 16.39 0.12
C THR C 61 34.94 16.41 0.28
N THR C 62 35.64 15.35 -0.16
CA THR C 62 37.09 15.32 -0.06
C THR C 62 37.74 16.36 -0.97
N GLU C 63 37.08 16.70 -2.09
CA GLU C 63 37.62 17.68 -3.03
C GLU C 63 37.63 19.08 -2.45
N SER C 64 36.69 19.38 -1.56
CA SER C 64 36.46 20.73 -1.08
C SER C 64 37.46 21.18 -0.01
N VAL C 65 38.20 20.24 0.60
CA VAL C 65 39.16 20.57 1.65
C VAL C 65 40.40 21.28 1.09
N SER C 66 40.77 21.01 -0.17
CA SER C 66 42.01 21.54 -0.73
C SER C 66 42.11 23.06 -0.62
N GLY C 67 40.97 23.77 -0.62
CA GLY C 67 41.02 25.20 -0.35
C GLY C 67 41.64 25.50 1.00
N CYS C 68 41.20 24.80 2.05
CA CYS C 68 41.72 25.03 3.40
C CYS C 68 43.15 24.53 3.53
N CYS C 69 43.41 23.27 3.15
CA CYS C 69 44.72 22.66 3.34
C CYS C 69 45.85 23.52 2.76
N SER C 70 45.68 23.98 1.52
CA SER C 70 46.72 24.80 0.91
C SER C 70 46.89 26.12 1.66
N SER C 71 45.78 26.74 2.07
CA SER C 71 45.84 27.99 2.81
C SER C 71 46.49 27.80 4.18
N ILE C 72 46.36 26.61 4.78
CA ILE C 72 46.95 26.37 6.09
C ILE C 72 48.46 26.13 5.98
N VAL C 73 48.90 25.40 4.95
CA VAL C 73 50.33 25.13 4.81
C VAL C 73 51.12 26.42 4.60
N VAL C 74 50.62 27.33 3.77
CA VAL C 74 51.34 28.58 3.55
C VAL C 74 51.38 29.40 4.83
N LEU C 75 50.28 29.43 5.60
CA LEU C 75 50.27 30.15 6.86
C LEU C 75 51.22 29.52 7.87
N ALA C 76 51.36 28.19 7.83
CA ALA C 76 52.32 27.52 8.70
C ALA C 76 53.75 27.89 8.32
N ARG C 77 54.06 27.85 7.01
CA ARG C 77 55.40 28.19 6.55
C ARG C 77 55.79 29.61 6.87
N SER C 78 54.80 30.51 6.98
CA SER C 78 55.09 31.91 7.23
C SER C 78 55.62 32.15 8.64
N VAL C 79 55.46 31.20 9.55
CA VAL C 79 55.76 31.41 10.95
C VAL C 79 56.87 30.49 11.48
N VAL C 80 57.33 29.52 10.68
CA VAL C 80 58.36 28.61 11.17
C VAL C 80 59.66 29.35 11.47
N GLU C 81 59.97 30.36 10.64
CA GLU C 81 61.21 31.11 10.82
C GLU C 81 61.22 31.84 12.16
N ASP C 82 60.06 32.29 12.63
CA ASP C 82 59.93 32.99 13.89
C ASP C 82 59.43 32.09 15.02
N CYS C 83 59.24 30.80 14.78
CA CYS C 83 58.79 29.89 15.81
C CYS C 83 59.92 29.54 16.76
N SER C 84 59.58 29.36 18.04
CA SER C 84 60.56 29.19 19.11
C SER C 84 60.65 27.77 19.64
N ASP C 85 59.53 27.14 20.00
CA ASP C 85 59.57 25.81 20.62
C ASP C 85 59.90 24.74 19.59
N GLU C 86 60.96 23.96 19.88
CA GLU C 86 61.48 23.04 18.88
C GLU C 86 60.55 21.84 18.67
N GLN C 87 59.82 21.42 19.71
CA GLN C 87 58.80 20.40 19.50
C GLN C 87 57.64 20.93 18.68
N ASP C 88 57.38 22.24 18.75
CA ASP C 88 56.39 22.87 17.89
C ASP C 88 56.97 23.18 16.52
N LYS C 89 58.23 23.61 16.46
CA LYS C 89 58.89 23.82 15.18
C LYS C 89 58.95 22.54 14.38
N ARG C 90 59.30 21.43 15.04
CA ARG C 90 59.25 20.13 14.37
C ARG C 90 57.83 19.76 13.98
N PHE C 91 56.84 20.14 14.80
CA PHE C 91 55.45 19.85 14.47
C PHE C 91 54.98 20.64 13.28
N LEU C 92 55.34 21.93 13.20
CA LEU C 92 54.95 22.73 12.04
C LEU C 92 55.61 22.20 10.77
N GLN C 93 56.86 21.75 10.88
CA GLN C 93 57.54 21.14 9.75
C GLN C 93 56.83 19.85 9.33
N GLN C 94 56.49 18.99 10.29
CA GLN C 94 55.74 17.78 9.99
C GLN C 94 54.45 18.10 9.25
N LEU C 95 53.79 19.20 9.61
CA LEU C 95 52.59 19.61 8.91
C LEU C 95 52.91 20.05 7.49
N ILE C 96 53.97 20.84 7.32
CA ILE C 96 54.29 21.42 6.03
C ILE C 96 54.73 20.35 5.03
N ASN C 97 55.36 19.28 5.52
CA ASN C 97 56.03 18.33 4.63
C ASN C 97 55.21 17.07 4.34
N THR C 98 53.95 17.01 4.79
CA THR C 98 53.13 15.84 4.49
C THR C 98 52.53 16.02 3.10
N GLU C 99 52.82 15.08 2.20
CA GLU C 99 52.33 15.18 0.83
C GLU C 99 50.97 14.52 0.65
N ASP C 100 50.74 13.36 1.27
CA ASP C 100 49.45 12.70 1.14
C ASP C 100 48.38 13.55 1.81
N GLU C 101 47.41 14.03 1.02
CA GLU C 101 46.46 15.01 1.52
C GLU C 101 45.53 14.41 2.57
N HIS C 102 45.23 13.11 2.48
CA HIS C 102 44.44 12.45 3.50
C HIS C 102 45.11 12.57 4.86
N THR C 103 46.41 12.29 4.92
CA THR C 103 47.18 12.53 6.15
C THR C 103 47.08 13.98 6.58
N LEU C 104 47.26 14.91 5.65
CA LEU C 104 47.28 16.33 5.99
C LEU C 104 45.95 16.81 6.58
N THR C 105 44.83 16.34 6.02
CA THR C 105 43.53 16.81 6.49
C THR C 105 43.27 16.41 7.94
N GLN C 106 43.59 15.16 8.29
CA GLN C 106 43.47 14.73 9.68
C GLN C 106 44.49 15.42 10.58
N ILE C 107 45.75 15.49 10.15
CA ILE C 107 46.77 16.22 10.92
C ILE C 107 46.27 17.61 11.24
N ILE C 108 45.53 18.23 10.32
CA ILE C 108 45.00 19.56 10.57
C ILE C 108 43.73 19.46 11.42
N SER C 109 42.87 18.49 11.11
CA SER C 109 41.63 18.32 11.89
C SER C 109 41.92 17.90 13.31
N ASN C 110 42.82 16.92 13.50
CA ASN C 110 43.07 16.40 14.84
C ASN C 110 43.84 17.40 15.70
N ASN C 111 44.69 18.23 15.10
CA ASN C 111 45.55 19.16 15.82
C ASN C 111 45.20 20.61 15.49
N SER C 112 43.93 20.87 15.22
CA SER C 112 43.50 22.19 14.77
C SER C 112 43.79 23.25 15.83
N ALA C 113 43.57 22.91 17.11
CA ALA C 113 43.80 23.87 18.18
C ALA C 113 45.27 24.29 18.22
N ARG C 114 46.18 23.32 18.14
CA ARG C 114 47.61 23.63 18.09
C ARG C 114 47.94 24.54 16.92
N ILE C 115 47.29 24.33 15.77
CA ILE C 115 47.63 25.02 14.53
C ILE C 115 47.28 26.50 14.62
N CYS C 116 46.02 26.80 14.98
CA CYS C 116 45.57 28.19 15.00
C CYS C 116 46.40 29.05 15.94
N GLU C 117 46.76 28.51 17.11
CA GLU C 117 47.62 29.22 18.03
C GLU C 117 48.99 29.49 17.43
N LEU C 118 49.58 28.48 16.80
CA LEU C 118 50.94 28.63 16.26
C LEU C 118 51.00 29.64 15.13
N ILE C 119 49.90 29.84 14.40
CA ILE C 119 49.88 30.83 13.34
C ILE C 119 49.81 32.23 13.92
N LEU C 120 49.01 32.42 14.96
CA LEU C 120 48.82 33.73 15.57
C LEU C 120 49.97 34.08 16.52
N LYS C 121 50.52 33.07 17.20
CA LYS C 121 51.62 33.24 18.16
C LYS C 121 51.17 33.95 19.42
N ILE C 127 43.61 34.53 24.51
CA ILE C 127 43.17 33.37 25.27
C ILE C 127 43.27 32.13 24.39
N SER C 128 43.63 31.01 25.01
CA SER C 128 43.76 29.74 24.31
C SER C 128 42.59 28.81 24.52
N ASP C 129 41.94 28.87 25.69
CA ASP C 129 40.79 28.00 25.94
C ASP C 129 39.60 28.39 25.08
N ASN C 130 39.52 29.66 24.66
CA ASN C 130 38.46 30.07 23.74
C ASN C 130 38.64 29.42 22.37
N ILE C 131 39.88 29.30 21.91
CA ILE C 131 40.14 28.70 20.60
C ILE C 131 39.70 27.24 20.60
N GLY C 132 40.04 26.50 21.65
CA GLY C 132 39.63 25.11 21.73
C GLY C 132 38.11 24.95 21.75
N ARG C 133 37.40 25.94 22.28
CA ARG C 133 35.96 25.79 22.38
C ARG C 133 35.27 26.24 21.09
N LEU C 134 35.80 27.28 20.45
CA LEU C 134 35.21 27.71 19.19
C LEU C 134 35.56 26.76 18.05
N GLN C 135 36.74 26.13 18.09
CA GLN C 135 37.06 25.11 17.09
C GLN C 135 36.19 23.88 17.29
N GLU C 136 36.02 23.44 18.54
CA GLU C 136 35.14 22.31 18.82
C GLU C 136 33.70 22.62 18.44
N LEU C 137 33.25 23.86 18.67
CA LEU C 137 31.88 24.23 18.33
C LEU C 137 31.69 24.49 16.85
N GLU C 138 32.65 25.16 16.20
CA GLU C 138 32.50 25.44 14.77
C GLU C 138 32.56 24.16 13.95
N SER C 139 33.53 23.29 14.24
CA SER C 139 33.62 22.03 13.51
C SER C 139 32.34 21.21 13.66
N LEU C 140 31.80 21.15 14.88
CA LEU C 140 30.59 20.39 15.10
C LEU C 140 29.38 21.10 14.49
N THR C 141 29.30 22.44 14.63
CA THR C 141 28.26 23.20 13.97
C THR C 141 28.27 22.95 12.46
N LEU C 142 29.45 22.92 11.86
CA LEU C 142 29.55 22.66 10.42
C LEU C 142 29.25 21.21 10.09
N THR C 143 29.81 20.28 10.88
CA THR C 143 29.61 18.86 10.64
C THR C 143 28.13 18.47 10.73
N LEU C 144 27.41 19.02 11.71
CA LEU C 144 26.02 18.60 11.92
C LEU C 144 25.08 19.17 10.87
N GLN C 145 25.25 20.44 10.51
CA GLN C 145 24.41 21.05 9.49
C GLN C 145 24.50 20.28 8.18
N LYS C 146 25.71 19.88 7.79
CA LYS C 146 25.86 19.08 6.58
C LYS C 146 25.30 17.67 6.76
N LEU C 147 25.51 17.07 7.93
CA LEU C 147 24.99 15.73 8.17
C LEU C 147 23.46 15.74 8.25
N LEU C 148 22.86 16.81 8.77
CA LEU C 148 21.41 16.92 8.77
C LEU C 148 20.88 17.12 7.35
N LYS C 149 21.55 17.96 6.56
CA LYS C 149 21.11 18.21 5.19
C LYS C 149 21.11 16.94 4.37
N SER C 150 22.16 16.13 4.47
CA SER C 150 22.20 14.89 3.71
C SER C 150 21.19 13.88 4.24
N SER C 151 20.94 13.89 5.55
CA SER C 151 19.92 12.99 6.10
C SER C 151 18.53 13.40 5.65
N GLU C 152 18.23 14.71 5.68
CA GLU C 152 16.97 15.18 5.13
C GLU C 152 16.90 14.92 3.64
N ASN C 153 18.04 14.98 2.95
CA ASN C 153 18.08 14.67 1.52
C ASN C 153 17.92 13.17 1.28
N LYS C 154 18.59 12.34 2.10
CA LYS C 154 18.37 10.90 2.00
C LYS C 154 16.91 10.54 2.26
N LEU C 155 16.26 11.29 3.16
CA LEU C 155 14.84 11.05 3.44
C LEU C 155 13.96 11.52 2.29
N LYS C 156 14.30 12.68 1.71
CA LYS C 156 13.51 13.21 0.59
C LYS C 156 13.62 12.33 -0.64
N LYS C 157 14.84 11.95 -1.03
CA LYS C 157 15.02 11.12 -2.21
C LYS C 157 14.47 9.71 -2.03
N ALA C 158 14.47 9.19 -0.80
CA ALA C 158 13.99 7.82 -0.58
C ALA C 158 12.47 7.76 -0.65
N THR C 159 11.78 8.74 -0.09
CA THR C 159 10.32 8.78 -0.18
C THR C 159 9.87 8.82 -1.64
N GLU C 160 10.58 9.59 -2.46
CA GLU C 160 10.26 9.65 -3.88
C GLU C 160 10.44 8.29 -4.54
N TYR C 161 11.49 7.56 -4.18
CA TYR C 161 11.74 6.27 -4.80
C TYR C 161 10.57 5.30 -4.56
N TYR C 162 10.12 5.19 -3.31
CA TYR C 162 9.09 4.22 -2.98
C TYR C 162 7.75 4.63 -3.56
N GLU C 163 7.42 5.92 -3.49
CA GLU C 163 6.14 6.39 -4.03
C GLU C 163 6.06 6.26 -5.54
N ASN C 164 7.20 6.12 -6.23
CA ASN C 164 7.16 5.82 -7.65
C ASN C 164 6.53 4.45 -7.87
N ILE C 165 6.97 3.45 -7.10
CA ILE C 165 6.40 2.11 -7.21
C ILE C 165 4.97 2.07 -6.68
N ILE C 166 4.67 2.88 -5.66
CA ILE C 166 3.32 2.95 -5.12
C ILE C 166 2.35 3.49 -6.17
N ALA C 167 2.77 4.50 -6.95
CA ALA C 167 1.88 5.07 -7.95
C ALA C 167 1.60 4.06 -9.06
N GLN C 168 2.59 3.25 -9.43
CA GLN C 168 2.38 2.23 -10.44
C GLN C 168 1.39 1.16 -9.98
N TYR C 169 1.28 0.94 -8.67
CA TYR C 169 0.28 0.02 -8.14
C TYR C 169 -1.10 0.66 -7.98
N ASP C 170 -1.16 1.92 -7.53
CA ASP C 170 -2.44 2.58 -7.29
C ASP C 170 -3.25 2.81 -8.56
N ARG C 171 -2.68 2.56 -9.74
CA ARG C 171 -3.42 2.75 -10.98
C ARG C 171 -3.27 1.57 -11.93
N GLN C 172 -2.58 0.51 -11.53
CA GLN C 172 -2.29 -0.59 -12.43
C GLN C 172 -3.57 -1.27 -12.89
N ASP C 173 -3.58 -1.70 -14.15
CA ASP C 173 -4.75 -2.35 -14.73
C ASP C 173 -4.36 -3.68 -15.40
N PRO D 16 11.77 -15.68 -20.03
CA PRO D 16 12.57 -14.78 -19.20
C PRO D 16 13.34 -15.50 -18.08
N SER D 17 14.42 -14.88 -17.62
CA SER D 17 15.17 -15.46 -16.51
C SER D 17 14.42 -15.26 -15.20
N GLU D 18 14.10 -14.02 -14.87
CA GLU D 18 13.34 -13.75 -13.66
C GLU D 18 11.91 -13.35 -13.99
N PRO D 19 10.93 -13.86 -13.25
CA PRO D 19 9.53 -13.42 -13.43
C PRO D 19 9.31 -12.01 -12.92
N LEU D 20 8.34 -11.34 -13.53
CA LEU D 20 8.02 -9.95 -13.20
C LEU D 20 6.71 -9.75 -12.46
N THR D 21 5.75 -10.68 -12.57
CA THR D 21 4.47 -10.50 -11.91
C THR D 21 4.17 -11.71 -11.02
N GLN D 22 3.22 -11.52 -10.11
CA GLN D 22 2.74 -12.63 -9.28
C GLN D 22 1.94 -13.63 -10.11
N LYS D 23 1.36 -13.16 -11.22
CA LYS D 23 0.63 -14.04 -12.13
C LYS D 23 1.57 -15.01 -12.84
N ASP D 24 2.75 -14.53 -13.22
CA ASP D 24 3.74 -15.23 -14.04
C ASP D 24 4.47 -16.36 -13.32
N VAL D 25 4.34 -16.48 -12.00
CA VAL D 25 5.16 -17.46 -11.26
C VAL D 25 4.59 -18.87 -11.32
N ILE D 26 3.30 -19.05 -11.63
CA ILE D 26 2.72 -20.39 -11.71
C ILE D 26 3.49 -21.29 -12.67
N ALA D 27 3.98 -20.72 -13.77
CA ALA D 27 4.73 -21.52 -14.75
C ALA D 27 6.16 -21.81 -14.30
N PHE D 28 6.74 -20.95 -13.47
CA PHE D 28 8.12 -21.12 -13.03
C PHE D 28 8.23 -22.23 -11.99
N GLN D 29 9.25 -23.08 -12.14
CA GLN D 29 9.52 -24.08 -11.13
C GLN D 29 10.12 -23.42 -9.89
N LYS D 30 10.07 -24.15 -8.78
CA LYS D 30 10.54 -23.61 -7.50
C LYS D 30 12.04 -23.35 -7.50
N GLU D 31 12.84 -24.29 -8.02
CA GLU D 31 14.29 -24.13 -8.02
C GLU D 31 14.73 -22.84 -8.73
N ALA D 32 13.99 -22.41 -9.75
CA ALA D 32 14.32 -21.16 -10.41
C ALA D 32 13.91 -19.96 -9.57
N LEU D 33 12.75 -20.03 -8.92
CA LEU D 33 12.30 -18.94 -8.05
C LEU D 33 13.25 -18.75 -6.86
N PHE D 34 13.78 -19.85 -6.31
CA PHE D 34 14.72 -19.74 -5.20
C PHE D 34 16.03 -19.11 -5.66
N ARG D 35 16.55 -19.55 -6.81
CA ARG D 35 17.78 -18.97 -7.35
C ARG D 35 17.63 -17.47 -7.55
N CYS D 36 16.47 -17.03 -8.04
CA CYS D 36 16.24 -15.61 -8.25
C CYS D 36 16.10 -14.85 -6.93
N LEU D 37 15.36 -15.40 -5.96
CA LEU D 37 15.20 -14.73 -4.68
C LEU D 37 16.54 -14.49 -4.00
N ASN D 38 17.42 -15.49 -4.02
CA ASN D 38 18.70 -15.35 -3.33
C ASN D 38 19.57 -14.29 -3.99
N LYS D 39 19.57 -14.23 -5.33
CA LYS D 39 20.38 -13.24 -6.02
C LYS D 39 20.01 -11.83 -5.58
N TRP D 40 18.73 -11.55 -5.40
CA TRP D 40 18.32 -10.24 -4.91
C TRP D 40 18.58 -10.10 -3.41
N ARG D 41 18.30 -11.15 -2.64
CA ARG D 41 18.58 -11.11 -1.21
C ARG D 41 20.06 -10.92 -0.93
N VAL D 42 20.92 -11.58 -1.71
CA VAL D 42 22.36 -11.43 -1.53
C VAL D 42 22.80 -10.04 -2.02
N LYS D 43 22.20 -9.57 -3.12
CA LYS D 43 22.52 -8.23 -3.60
C LYS D 43 22.08 -7.17 -2.58
N ALA D 44 20.97 -7.41 -1.89
CA ALA D 44 20.52 -6.45 -0.89
C ALA D 44 21.43 -6.44 0.33
N ASN D 45 22.01 -7.59 0.69
CA ASN D 45 22.87 -7.64 1.86
C ASN D 45 24.20 -6.95 1.56
N GLN D 46 24.77 -7.20 0.39
CA GLN D 46 25.98 -6.48 -0.01
C GLN D 46 25.74 -4.99 -0.08
N LEU D 47 24.54 -4.58 -0.49
CA LEU D 47 24.24 -3.17 -0.64
C LEU D 47 24.02 -2.47 0.69
N VAL D 48 23.49 -3.18 1.69
CA VAL D 48 23.37 -2.58 3.01
C VAL D 48 24.74 -2.41 3.64
N GLU D 49 25.62 -3.40 3.48
CA GLU D 49 26.99 -3.26 3.93
C GLU D 49 27.68 -2.10 3.21
N GLU D 50 27.48 -2.01 1.88
CA GLU D 50 28.06 -0.89 1.14
C GLU D 50 27.45 0.43 1.58
N ASN D 51 26.15 0.43 1.90
CA ASN D 51 25.51 1.68 2.28
C ASN D 51 25.92 2.10 3.69
N GLU D 52 26.09 1.13 4.58
CA GLU D 52 26.53 1.43 5.94
C GLU D 52 27.97 1.93 5.97
N VAL D 53 28.88 1.22 5.31
CA VAL D 53 30.28 1.64 5.27
C VAL D 53 30.47 2.94 4.50
N LEU D 54 29.62 3.21 3.50
CA LEU D 54 29.74 4.47 2.76
C LEU D 54 29.25 5.64 3.60
N ALA D 55 28.08 5.49 4.23
CA ALA D 55 27.58 6.54 5.10
C ALA D 55 28.49 6.76 6.30
N ALA D 56 29.24 5.72 6.70
CA ALA D 56 30.23 5.89 7.74
C ALA D 56 31.39 6.77 7.25
N GLY D 57 31.99 6.40 6.11
CA GLY D 57 33.08 7.18 5.55
C GLY D 57 32.68 8.59 5.15
N LEU D 58 31.40 8.84 4.89
CA LEU D 58 30.96 10.20 4.59
C LEU D 58 30.92 11.08 5.82
N SER D 59 30.57 10.49 6.97
CA SER D 59 30.59 11.22 8.23
C SER D 59 32.02 11.39 8.74
N LYS D 60 32.86 10.37 8.58
CA LYS D 60 34.25 10.49 9.01
C LYS D 60 34.99 11.56 8.21
N THR D 61 34.57 11.79 6.96
CA THR D 61 35.21 12.81 6.14
C THR D 61 34.67 14.20 6.43
N THR D 62 33.36 14.32 6.68
CA THR D 62 32.81 15.63 6.99
C THR D 62 33.33 16.17 8.32
N GLU D 63 33.66 15.27 9.27
CA GLU D 63 34.27 15.75 10.51
C GLU D 63 35.68 16.25 10.27
N SER D 64 36.43 15.58 9.37
CA SER D 64 37.81 15.95 9.14
C SER D 64 37.94 17.12 8.18
N VAL D 65 36.94 17.32 7.30
CA VAL D 65 36.97 18.51 6.46
C VAL D 65 36.57 19.72 7.30
N SER D 66 35.60 19.54 8.20
CA SER D 66 35.23 20.60 9.13
C SER D 66 36.37 20.93 10.07
N GLY D 67 37.26 19.96 10.34
CA GLY D 67 38.46 20.25 11.11
C GLY D 67 39.29 21.34 10.49
N CYS D 68 39.56 21.23 9.18
CA CYS D 68 40.32 22.27 8.48
C CYS D 68 39.49 23.54 8.35
N CYS D 69 38.25 23.41 7.85
CA CYS D 69 37.39 24.56 7.62
C CYS D 69 37.26 25.42 8.87
N SER D 70 37.03 24.79 10.02
CA SER D 70 36.89 25.54 11.26
C SER D 70 38.17 26.30 11.60
N SER D 71 39.33 25.68 11.36
CA SER D 71 40.59 26.36 11.66
C SER D 71 40.75 27.65 10.85
N ILE D 72 40.15 27.69 9.66
CA ILE D 72 40.16 28.93 8.88
C ILE D 72 39.16 29.92 9.47
N VAL D 73 38.01 29.41 9.90
CA VAL D 73 37.00 30.26 10.55
C VAL D 73 37.55 30.82 11.86
N VAL D 74 38.27 30.00 12.63
CA VAL D 74 38.84 30.48 13.90
C VAL D 74 39.87 31.57 13.63
N LEU D 75 40.73 31.37 12.63
CA LEU D 75 41.69 32.41 12.29
C LEU D 75 41.00 33.66 11.77
N ALA D 76 39.87 33.50 11.08
CA ALA D 76 39.10 34.65 10.62
C ALA D 76 38.52 35.43 11.80
N ARG D 77 37.95 34.72 12.78
CA ARG D 77 37.40 35.38 13.95
C ARG D 77 38.47 36.12 14.75
N SER D 78 39.69 35.59 14.76
CA SER D 78 40.77 36.16 15.56
C SER D 78 41.32 37.48 15.01
N VAL D 79 41.10 37.78 13.73
CA VAL D 79 41.76 38.91 13.08
C VAL D 79 40.79 39.96 12.56
N VAL D 80 39.48 39.72 12.66
CA VAL D 80 38.50 40.68 12.14
C VAL D 80 38.61 42.02 12.87
N GLU D 81 38.93 41.98 14.17
CA GLU D 81 38.98 43.20 14.96
C GLU D 81 40.07 44.17 14.49
N ASP D 82 41.18 43.67 13.96
CA ASP D 82 42.26 44.55 13.52
C ASP D 82 42.29 44.78 12.02
N CYS D 83 41.35 44.22 11.26
CA CYS D 83 41.26 44.52 9.85
C CYS D 83 40.61 45.89 9.69
N SER D 84 41.07 46.66 8.71
CA SER D 84 40.65 48.05 8.59
C SER D 84 39.65 48.31 7.47
N ASP D 85 39.95 47.91 6.23
CA ASP D 85 39.01 48.16 5.14
C ASP D 85 37.84 47.17 5.26
N GLU D 86 36.62 47.71 5.30
CA GLU D 86 35.44 46.92 5.64
C GLU D 86 35.06 45.93 4.56
N GLN D 87 35.44 46.17 3.29
CA GLN D 87 35.17 45.18 2.26
C GLN D 87 35.89 43.87 2.55
N ASP D 88 37.01 43.93 3.28
CA ASP D 88 37.67 42.71 3.74
C ASP D 88 37.01 42.20 5.02
N LYS D 89 36.64 43.09 5.93
CA LYS D 89 35.92 42.68 7.13
C LYS D 89 34.58 42.04 6.77
N ARG D 90 33.87 42.60 5.77
CA ARG D 90 32.66 41.96 5.31
C ARG D 90 32.95 40.56 4.78
N PHE D 91 34.12 40.39 4.15
CA PHE D 91 34.50 39.07 3.65
C PHE D 91 34.75 38.10 4.80
N LEU D 92 35.45 38.56 5.84
CA LEU D 92 35.68 37.69 6.99
C LEU D 92 34.38 37.41 7.74
N GLN D 93 33.50 38.42 7.86
CA GLN D 93 32.20 38.20 8.48
C GLN D 93 31.37 37.21 7.68
N GLN D 94 31.28 37.41 6.37
CA GLN D 94 30.58 36.43 5.52
C GLN D 94 31.18 35.04 5.68
N LEU D 95 32.51 34.96 5.83
CA LEU D 95 33.17 33.68 6.02
C LEU D 95 32.85 33.09 7.40
N ILE D 96 32.91 33.91 8.45
CA ILE D 96 32.80 33.39 9.81
C ILE D 96 31.41 32.82 10.12
N ASN D 97 30.35 33.39 9.57
CA ASN D 97 29.02 33.05 10.04
C ASN D 97 28.28 32.06 9.16
N THR D 98 28.90 31.53 8.12
CA THR D 98 28.25 30.52 7.30
C THR D 98 28.47 29.13 7.89
N GLU D 99 27.46 28.28 7.77
CA GLU D 99 27.52 26.90 8.24
C GLU D 99 27.36 25.88 7.13
N ASP D 100 27.23 26.32 5.89
CA ASP D 100 27.06 25.42 4.76
C ASP D 100 28.45 25.22 4.16
N GLU D 101 28.95 23.99 4.23
CA GLU D 101 30.35 23.76 3.86
C GLU D 101 30.57 23.98 2.38
N HIS D 102 29.60 23.64 1.54
CA HIS D 102 29.74 23.95 0.13
C HIS D 102 29.90 25.45 -0.07
N THR D 103 29.03 26.24 0.56
CA THR D 103 29.20 27.69 0.56
C THR D 103 30.56 28.08 1.14
N LEU D 104 30.88 27.54 2.32
CA LEU D 104 32.13 27.92 2.99
C LEU D 104 33.36 27.46 2.19
N THR D 105 33.33 26.24 1.65
CA THR D 105 34.49 25.74 0.91
C THR D 105 34.72 26.54 -0.37
N GLN D 106 33.65 26.97 -1.05
CA GLN D 106 33.83 27.80 -2.22
C GLN D 106 34.46 29.13 -1.84
N ILE D 107 33.95 29.77 -0.79
CA ILE D 107 34.51 31.02 -0.30
C ILE D 107 36.01 30.87 -0.01
N ILE D 108 36.41 29.71 0.51
CA ILE D 108 37.81 29.51 0.87
C ILE D 108 38.63 29.14 -0.35
N SER D 109 38.11 28.26 -1.21
CA SER D 109 38.86 27.86 -2.40
C SER D 109 39.05 29.04 -3.35
N ASN D 110 38.01 29.84 -3.56
CA ASN D 110 38.09 30.94 -4.52
C ASN D 110 38.98 32.08 -4.02
N ASN D 111 39.02 32.31 -2.71
CA ASN D 111 39.75 33.44 -2.13
C ASN D 111 40.85 32.96 -1.19
N SER D 112 41.47 31.82 -1.48
CA SER D 112 42.36 31.17 -0.52
C SER D 112 43.59 32.03 -0.20
N ALA D 113 44.23 32.62 -1.22
CA ALA D 113 45.39 33.46 -0.96
C ALA D 113 45.00 34.70 -0.16
N ARG D 114 43.88 35.33 -0.53
CA ARG D 114 43.41 36.52 0.18
C ARG D 114 43.26 36.26 1.68
N ILE D 115 42.80 35.06 2.05
CA ILE D 115 42.59 34.76 3.46
C ILE D 115 43.91 34.78 4.19
N CYS D 116 44.91 34.09 3.63
CA CYS D 116 46.24 34.05 4.24
C CYS D 116 46.82 35.46 4.36
N GLU D 117 46.56 36.31 3.37
CA GLU D 117 47.01 37.70 3.43
C GLU D 117 46.39 38.43 4.61
N LEU D 118 45.07 38.30 4.79
CA LEU D 118 44.39 39.02 5.87
C LEU D 118 44.78 38.49 7.24
N ILE D 119 45.18 37.22 7.33
CA ILE D 119 45.58 36.64 8.61
C ILE D 119 46.95 37.17 9.02
N LEU D 120 47.88 37.27 8.07
CA LEU D 120 49.23 37.73 8.37
C LEU D 120 49.29 39.24 8.49
N LYS D 121 48.48 39.96 7.70
CA LYS D 121 48.46 41.42 7.73
C LYS D 121 48.12 41.96 9.11
N THR D 122 47.30 41.24 9.87
CA THR D 122 46.97 41.66 11.23
C THR D 122 48.22 41.60 12.10
N SER D 123 48.43 42.68 12.86
CA SER D 123 49.70 42.86 13.58
C SER D 123 49.93 41.76 14.60
N GLY D 124 49.00 41.58 15.54
CA GLY D 124 49.18 40.62 16.60
C GLY D 124 47.92 39.82 16.87
N SER D 125 48.09 38.76 17.65
CA SER D 125 46.96 37.92 18.06
C SER D 125 46.07 38.70 19.02
N ASN D 126 44.79 38.77 18.69
CA ASN D 126 43.83 39.55 19.45
C ASN D 126 42.74 38.66 20.02
N ILE D 127 42.27 39.05 21.19
CA ILE D 127 41.43 38.19 22.02
C ILE D 127 40.01 38.20 21.49
N SER D 128 39.36 37.03 21.53
CA SER D 128 37.95 36.94 21.18
C SER D 128 37.11 37.71 22.20
N ASP D 129 36.12 38.45 21.71
CA ASP D 129 35.36 39.36 22.54
C ASP D 129 33.98 38.84 22.92
N ASN D 130 33.50 37.76 22.30
CA ASN D 130 32.12 37.33 22.48
C ASN D 130 32.08 35.90 22.98
N ILE D 131 31.57 35.71 24.20
CA ILE D 131 31.21 34.38 24.68
C ILE D 131 29.79 34.02 24.27
N GLY D 132 28.97 35.01 23.88
CA GLY D 132 27.61 34.71 23.48
C GLY D 132 27.52 33.83 22.26
N ARG D 133 28.44 33.99 21.31
CA ARG D 133 28.48 33.09 20.16
C ARG D 133 28.80 31.66 20.57
N LEU D 134 29.53 31.47 21.67
CA LEU D 134 29.81 30.12 22.11
C LEU D 134 28.59 29.50 22.79
N GLN D 135 27.80 30.30 23.48
CA GLN D 135 26.54 29.82 24.03
C GLN D 135 25.51 29.62 22.92
N GLU D 136 25.46 30.57 21.97
CA GLU D 136 24.56 30.45 20.83
C GLU D 136 24.84 29.18 20.05
N LEU D 137 26.13 28.84 19.92
CA LEU D 137 26.51 27.60 19.25
C LEU D 137 26.25 26.40 20.15
N GLU D 138 26.40 26.56 21.46
CA GLU D 138 26.16 25.45 22.37
C GLU D 138 24.70 25.02 22.31
N SER D 139 23.78 25.99 22.38
CA SER D 139 22.36 25.69 22.23
C SER D 139 22.06 25.11 20.85
N LEU D 140 22.67 25.69 19.80
CA LEU D 140 22.43 25.22 18.45
C LEU D 140 23.03 23.83 18.25
N THR D 141 24.22 23.60 18.80
CA THR D 141 24.82 22.27 18.77
C THR D 141 23.88 21.21 19.33
N LEU D 142 23.21 21.52 20.44
CA LEU D 142 22.28 20.56 21.03
C LEU D 142 21.03 20.41 20.17
N THR D 143 20.47 21.53 19.70
CA THR D 143 19.29 21.46 18.86
C THR D 143 19.56 20.68 17.57
N LEU D 144 20.76 20.84 17.00
CA LEU D 144 21.06 20.17 15.74
C LEU D 144 21.25 18.67 15.93
N GLN D 145 21.94 18.27 17.00
CA GLN D 145 22.06 16.85 17.31
C GLN D 145 20.69 16.21 17.47
N LYS D 146 19.76 16.92 18.11
CA LYS D 146 18.40 16.40 18.27
C LYS D 146 17.70 16.26 16.92
N LEU D 147 17.90 17.25 16.04
CA LEU D 147 17.26 17.22 14.73
C LEU D 147 17.83 16.15 13.82
N LEU D 148 19.12 15.84 13.93
CA LEU D 148 19.69 14.80 13.09
C LEU D 148 19.14 13.43 13.44
N LYS D 149 19.05 13.12 14.74
CA LYS D 149 18.54 11.82 15.15
C LYS D 149 17.09 11.65 14.72
N SER D 150 16.28 12.70 14.88
CA SER D 150 14.88 12.63 14.50
C SER D 150 14.71 12.52 12.99
N SER D 151 15.60 13.16 12.22
CA SER D 151 15.53 13.04 10.77
C SER D 151 15.90 11.63 10.29
N GLU D 152 16.97 11.06 10.84
CA GLU D 152 17.34 9.69 10.50
C GLU D 152 16.31 8.67 10.98
N ASN D 153 15.62 8.94 12.09
CA ASN D 153 14.59 8.02 12.56
C ASN D 153 13.38 8.06 11.62
N LYS D 154 13.04 9.26 11.15
CA LYS D 154 11.99 9.41 10.13
C LYS D 154 12.30 8.58 8.90
N LEU D 155 13.58 8.47 8.54
CA LEU D 155 14.00 7.67 7.40
C LEU D 155 14.00 6.17 7.72
N LYS D 156 14.42 5.81 8.93
CA LYS D 156 14.51 4.39 9.30
C LYS D 156 13.13 3.75 9.35
N LYS D 157 12.17 4.40 10.01
CA LYS D 157 10.82 3.87 10.07
C LYS D 157 10.14 3.88 8.70
N ALA D 158 10.53 4.82 7.83
CA ALA D 158 9.90 4.92 6.52
C ALA D 158 10.31 3.77 5.61
N THR D 159 11.57 3.35 5.67
CA THR D 159 12.01 2.21 4.88
C THR D 159 11.14 0.98 5.15
N GLU D 160 10.87 0.72 6.44
CA GLU D 160 9.96 -0.36 6.79
C GLU D 160 8.53 -0.03 6.36
N TYR D 161 8.09 1.21 6.59
CA TYR D 161 6.71 1.59 6.29
C TYR D 161 6.40 1.46 4.81
N TYR D 162 7.28 2.00 3.95
CA TYR D 162 7.01 1.94 2.52
C TYR D 162 7.14 0.52 1.99
N GLU D 163 8.12 -0.24 2.49
CA GLU D 163 8.26 -1.62 2.06
C GLU D 163 7.09 -2.46 2.53
N ASN D 164 6.41 -2.05 3.61
CA ASN D 164 5.22 -2.73 4.07
C ASN D 164 4.03 -2.51 3.13
N ILE D 165 3.77 -1.26 2.75
CA ILE D 165 2.62 -0.98 1.89
C ILE D 165 2.82 -1.58 0.50
N ILE D 166 4.06 -1.57 -0.01
CA ILE D 166 4.32 -2.19 -1.30
C ILE D 166 4.09 -3.69 -1.24
N ALA D 167 4.52 -4.33 -0.16
CA ALA D 167 4.34 -5.78 -0.04
C ALA D 167 2.87 -6.14 0.18
N GLN D 168 2.16 -5.35 0.99
CA GLN D 168 0.74 -5.61 1.22
C GLN D 168 -0.11 -5.42 -0.02
N TYR D 169 0.39 -4.72 -1.04
CA TYR D 169 -0.35 -4.65 -2.28
C TYR D 169 -0.26 -5.98 -3.03
N ASP D 170 0.90 -6.62 -2.96
CA ASP D 170 1.06 -7.94 -3.56
C ASP D 170 0.20 -8.98 -2.83
N ARG D 171 0.11 -8.86 -1.50
CA ARG D 171 -0.71 -9.79 -0.73
C ARG D 171 -2.19 -9.61 -1.03
N GLN D 172 -2.65 -8.35 -1.09
CA GLN D 172 -4.07 -8.09 -1.31
C GLN D 172 -4.56 -8.66 -2.64
N ASP D 173 -3.68 -8.74 -3.63
CA ASP D 173 -4.03 -9.24 -4.96
C ASP D 173 -3.71 -10.72 -5.13
N SER D 174 -3.21 -11.39 -4.09
CA SER D 174 -2.81 -12.78 -4.20
C SER D 174 -4.01 -13.71 -4.12
N GLU D 175 -4.02 -14.72 -5.00
CA GLU D 175 -5.06 -15.74 -4.97
C GLU D 175 -4.84 -16.73 -3.83
N SER D 176 -3.57 -17.09 -3.57
CA SER D 176 -3.29 -18.08 -2.53
C SER D 176 -3.63 -17.53 -1.15
N VAL D 177 -3.21 -16.29 -0.87
CA VAL D 177 -3.48 -15.67 0.43
C VAL D 177 -4.99 -15.59 0.68
N SER D 178 -5.74 -15.10 -0.31
CA SER D 178 -7.19 -14.97 -0.16
C SER D 178 -7.88 -16.32 0.01
N ARG D 179 -7.26 -17.40 -0.46
CA ARG D 179 -7.85 -18.73 -0.29
C ARG D 179 -7.60 -19.27 1.11
N VAL D 180 -6.40 -19.05 1.65
CA VAL D 180 -6.01 -19.70 2.89
C VAL D 180 -6.57 -18.97 4.11
N PHE D 181 -6.61 -17.65 4.08
CA PHE D 181 -6.85 -16.86 5.28
C PHE D 181 -8.12 -16.03 5.29
N ASN D 182 -8.78 -15.82 4.17
CA ASN D 182 -9.83 -14.81 4.08
C ASN D 182 -11.18 -15.42 4.45
N THR D 183 -11.74 -14.97 5.56
CA THR D 183 -13.09 -15.36 5.97
C THR D 183 -13.88 -14.15 6.45
N SER E 14 -27.33 -12.17 -44.32
CA SER E 14 -26.49 -10.99 -44.19
C SER E 14 -25.02 -11.35 -44.26
N ASP E 15 -24.59 -11.81 -45.43
CA ASP E 15 -23.21 -12.22 -45.62
C ASP E 15 -22.27 -11.01 -45.46
N PRO E 16 -20.97 -11.27 -45.26
CA PRO E 16 -20.02 -10.16 -45.14
C PRO E 16 -20.08 -9.17 -46.29
N SER E 17 -20.26 -9.67 -47.51
CA SER E 17 -20.38 -8.78 -48.66
C SER E 17 -21.80 -8.33 -48.92
N GLU E 18 -22.80 -9.10 -48.50
CA GLU E 18 -24.17 -8.68 -48.71
C GLU E 18 -24.45 -7.40 -47.94
N PRO E 19 -25.12 -6.42 -48.54
CA PRO E 19 -25.50 -5.21 -47.80
C PRO E 19 -26.56 -5.51 -46.75
N LEU E 20 -26.67 -4.60 -45.79
CA LEU E 20 -27.56 -4.82 -44.66
C LEU E 20 -29.00 -4.48 -45.04
N THR E 21 -29.94 -5.14 -44.38
CA THR E 21 -31.35 -5.01 -44.69
C THR E 21 -32.13 -4.60 -43.44
N GLN E 22 -33.40 -4.27 -43.64
CA GLN E 22 -34.26 -3.92 -42.51
C GLN E 22 -34.50 -5.11 -41.59
N LYS E 23 -34.52 -6.33 -42.13
CA LYS E 23 -34.68 -7.50 -41.28
C LYS E 23 -33.45 -7.73 -40.42
N ASP E 24 -32.26 -7.49 -40.99
CA ASP E 24 -31.03 -7.71 -40.24
C ASP E 24 -30.78 -6.64 -39.20
N VAL E 25 -31.43 -5.49 -39.29
CA VAL E 25 -31.20 -4.43 -38.31
C VAL E 25 -32.17 -4.53 -37.14
N ILE E 26 -33.39 -5.03 -37.38
CA ILE E 26 -34.35 -5.23 -36.29
C ILE E 26 -33.78 -6.18 -35.25
N ALA E 27 -33.04 -7.19 -35.69
CA ALA E 27 -32.42 -8.15 -34.79
C ALA E 27 -31.18 -7.58 -34.11
N PHE E 28 -30.52 -6.60 -34.74
CA PHE E 28 -29.32 -6.03 -34.16
C PHE E 28 -29.64 -5.16 -32.95
N GLN E 29 -30.77 -4.44 -33.00
CA GLN E 29 -31.17 -3.65 -31.84
C GLN E 29 -31.61 -4.52 -30.69
N LYS E 30 -32.24 -5.67 -30.98
CA LYS E 30 -32.65 -6.56 -29.90
C LYS E 30 -31.44 -7.17 -29.21
N GLU E 31 -30.49 -7.68 -29.99
CA GLU E 31 -29.25 -8.19 -29.41
C GLU E 31 -28.49 -7.09 -28.66
N ALA E 32 -28.59 -5.85 -29.16
CA ALA E 32 -27.97 -4.73 -28.46
C ALA E 32 -28.74 -4.37 -27.21
N LEU E 33 -30.07 -4.43 -27.28
CA LEU E 33 -30.89 -4.25 -26.08
C LEU E 33 -30.58 -5.32 -25.04
N PHE E 34 -30.28 -6.54 -25.48
CA PHE E 34 -29.95 -7.61 -24.55
C PHE E 34 -28.61 -7.35 -23.87
N ARG E 35 -27.58 -7.00 -24.64
CA ARG E 35 -26.28 -6.72 -24.04
C ARG E 35 -26.37 -5.57 -23.04
N CYS E 36 -27.14 -4.53 -23.36
CA CYS E 36 -27.32 -3.45 -22.40
C CYS E 36 -28.13 -3.93 -21.21
N LEU E 37 -29.16 -4.73 -21.47
CA LEU E 37 -29.92 -5.37 -20.39
C LEU E 37 -29.02 -6.20 -19.48
N ASN E 38 -28.09 -6.96 -20.07
CA ASN E 38 -27.29 -7.90 -19.30
C ASN E 38 -26.33 -7.19 -18.35
N LYS E 39 -25.64 -6.15 -18.83
CA LYS E 39 -24.71 -5.43 -17.95
C LYS E 39 -25.43 -4.84 -16.74
N TRP E 40 -26.66 -4.36 -16.93
CA TRP E 40 -27.44 -3.88 -15.78
C TRP E 40 -27.91 -5.04 -14.91
N ARG E 41 -28.37 -6.13 -15.53
CA ARG E 41 -28.82 -7.28 -14.77
C ARG E 41 -27.65 -7.89 -13.98
N VAL E 42 -26.46 -7.93 -14.57
CA VAL E 42 -25.31 -8.49 -13.87
C VAL E 42 -24.85 -7.54 -12.77
N LYS E 43 -24.86 -6.23 -13.03
CA LYS E 43 -24.47 -5.27 -12.00
C LYS E 43 -25.46 -5.26 -10.85
N ALA E 44 -26.74 -5.51 -11.14
CA ALA E 44 -27.74 -5.54 -10.08
C ALA E 44 -27.55 -6.75 -9.17
N ASN E 45 -27.11 -7.88 -9.71
CA ASN E 45 -26.90 -9.07 -8.91
C ASN E 45 -25.64 -8.94 -8.06
N GLN E 46 -24.58 -8.33 -8.61
CA GLN E 46 -23.39 -8.08 -7.81
C GLN E 46 -23.71 -7.20 -6.60
N LEU E 47 -24.68 -6.29 -6.73
CA LEU E 47 -24.97 -5.39 -5.62
C LEU E 47 -25.75 -6.08 -4.51
N VAL E 48 -26.64 -7.01 -4.83
CA VAL E 48 -27.30 -7.77 -3.77
C VAL E 48 -26.29 -8.69 -3.09
N GLU E 49 -25.32 -9.21 -3.85
CA GLU E 49 -24.23 -9.96 -3.24
C GLU E 49 -23.51 -9.12 -2.19
N GLU E 50 -23.18 -7.87 -2.53
CA GLU E 50 -22.62 -6.96 -1.54
C GLU E 50 -23.68 -6.58 -0.50
N ASN E 51 -24.95 -6.52 -0.93
CA ASN E 51 -26.04 -6.16 -0.04
C ASN E 51 -26.28 -7.25 1.00
N GLU E 52 -26.11 -8.51 0.60
CA GLU E 52 -26.17 -9.62 1.55
C GLU E 52 -25.02 -9.57 2.54
N VAL E 53 -23.80 -9.34 2.05
CA VAL E 53 -22.61 -9.29 2.91
C VAL E 53 -22.69 -8.11 3.87
N LEU E 54 -23.36 -7.03 3.49
CA LEU E 54 -23.47 -5.88 4.38
C LEU E 54 -24.42 -6.17 5.53
N ALA E 55 -25.60 -6.72 5.23
CA ALA E 55 -26.55 -7.05 6.27
C ALA E 55 -26.05 -8.16 7.18
N ALA E 56 -25.21 -9.05 6.66
CA ALA E 56 -24.63 -10.10 7.50
C ALA E 56 -23.65 -9.53 8.51
N GLY E 57 -22.65 -8.79 8.03
CA GLY E 57 -21.68 -8.18 8.92
C GLY E 57 -22.26 -7.12 9.85
N LEU E 58 -23.39 -6.53 9.48
CA LEU E 58 -23.99 -5.51 10.35
C LEU E 58 -24.73 -6.13 11.54
N SER E 59 -25.36 -7.28 11.36
CA SER E 59 -26.01 -7.92 12.50
C SER E 59 -24.99 -8.63 13.39
N LYS E 60 -23.99 -9.28 12.78
CA LYS E 60 -22.94 -9.94 13.55
C LYS E 60 -22.09 -8.95 14.34
N THR E 61 -22.03 -7.69 13.89
CA THR E 61 -21.24 -6.69 14.60
C THR E 61 -21.99 -6.15 15.82
N THR E 62 -23.31 -5.98 15.69
CA THR E 62 -24.10 -5.52 16.82
C THR E 62 -24.20 -6.56 17.93
N GLU E 63 -24.14 -7.85 17.58
CA GLU E 63 -24.25 -8.91 18.58
C GLU E 63 -23.04 -8.99 19.50
N SER E 64 -21.84 -8.67 19.00
CA SER E 64 -20.61 -8.89 19.74
C SER E 64 -20.33 -7.84 20.81
N VAL E 65 -20.99 -6.67 20.73
CA VAL E 65 -20.75 -5.62 21.71
C VAL E 65 -21.30 -5.98 23.08
N SER E 66 -22.40 -6.74 23.14
CA SER E 66 -23.00 -7.07 24.44
C SER E 66 -22.02 -7.75 25.38
N GLY E 67 -21.03 -8.48 24.84
CA GLY E 67 -19.97 -8.99 25.70
C GLY E 67 -19.23 -7.89 26.44
N CYS E 68 -18.84 -6.84 25.70
CA CYS E 68 -18.09 -5.74 26.30
C CYS E 68 -18.98 -4.88 27.20
N CYS E 69 -20.14 -4.48 26.72
CA CYS E 69 -21.01 -3.56 27.47
C CYS E 69 -21.29 -4.07 28.87
N SER E 70 -21.62 -5.36 29.01
CA SER E 70 -21.91 -5.91 30.33
C SER E 70 -20.69 -5.84 31.24
N SER E 71 -19.50 -6.11 30.69
CA SER E 71 -18.29 -6.05 31.50
C SER E 71 -17.99 -4.64 31.99
N ILE E 72 -18.34 -3.62 31.20
CA ILE E 72 -18.08 -2.25 31.59
C ILE E 72 -19.11 -1.75 32.59
N VAL E 73 -20.38 -2.11 32.41
CA VAL E 73 -21.41 -1.68 33.36
C VAL E 73 -21.12 -2.24 34.75
N VAL E 74 -20.67 -3.51 34.82
CA VAL E 74 -20.34 -4.10 36.11
C VAL E 74 -19.16 -3.39 36.74
N LEU E 75 -18.13 -3.07 35.94
CA LEU E 75 -16.97 -2.37 36.47
C LEU E 75 -17.30 -0.97 36.93
N ALA E 76 -18.26 -0.31 36.29
CA ALA E 76 -18.69 1.02 36.73
C ALA E 76 -19.34 0.97 38.11
N ARG E 77 -20.20 -0.05 38.33
CA ARG E 77 -20.92 -0.18 39.59
C ARG E 77 -19.98 -0.35 40.78
N SER E 78 -18.79 -0.93 40.56
CA SER E 78 -17.90 -1.23 41.67
C SER E 78 -17.30 0.03 42.30
N VAL E 79 -17.29 1.16 41.59
CA VAL E 79 -16.60 2.35 42.05
C VAL E 79 -17.51 3.56 42.21
N VAL E 80 -18.79 3.47 41.85
CA VAL E 80 -19.65 4.65 41.88
C VAL E 80 -19.86 5.14 43.31
N GLU E 81 -20.03 4.24 44.28
CA GLU E 81 -20.29 4.68 45.65
C GLU E 81 -19.08 5.40 46.24
N ASP E 82 -17.88 5.00 45.87
CA ASP E 82 -16.65 5.58 46.40
C ASP E 82 -16.04 6.63 45.49
N CYS E 83 -16.72 6.97 44.39
CA CYS E 83 -16.28 8.01 43.48
C CYS E 83 -16.52 9.38 44.09
N SER E 84 -15.65 10.34 43.75
CA SER E 84 -15.66 11.64 44.41
C SER E 84 -16.28 12.75 43.57
N ASP E 85 -15.86 12.89 42.31
CA ASP E 85 -16.37 13.98 41.48
C ASP E 85 -17.82 13.70 41.11
N GLU E 86 -18.72 14.62 41.48
CA GLU E 86 -20.14 14.34 41.34
C GLU E 86 -20.61 14.43 39.90
N GLN E 87 -19.99 15.29 39.08
CA GLN E 87 -20.33 15.28 37.66
C GLN E 87 -19.88 13.98 37.00
N ASP E 88 -18.87 13.33 37.58
CA ASP E 88 -18.49 12.00 37.13
C ASP E 88 -19.40 10.93 37.73
N LYS E 89 -19.76 11.08 39.00
CA LYS E 89 -20.67 10.13 39.64
C LYS E 89 -22.04 10.14 38.97
N ARG E 90 -22.59 11.34 38.71
CA ARG E 90 -23.88 11.41 38.03
C ARG E 90 -23.81 10.81 36.63
N PHE E 91 -22.66 10.96 35.96
CA PHE E 91 -22.50 10.36 34.63
C PHE E 91 -22.44 8.84 34.73
N LEU E 92 -21.71 8.31 35.71
CA LEU E 92 -21.67 6.87 35.91
C LEU E 92 -23.02 6.32 36.33
N GLN E 93 -23.75 7.06 37.17
CA GLN E 93 -25.10 6.64 37.56
C GLN E 93 -26.02 6.59 36.34
N GLN E 94 -26.04 7.67 35.54
CA GLN E 94 -26.83 7.67 34.31
C GLN E 94 -26.43 6.54 33.38
N LEU E 95 -25.14 6.18 33.35
CA LEU E 95 -24.67 5.09 32.51
C LEU E 95 -25.26 3.76 32.96
N ILE E 96 -25.31 3.53 34.28
CA ILE E 96 -25.78 2.27 34.82
C ILE E 96 -27.24 2.05 34.46
N ASN E 97 -28.00 3.13 34.32
CA ASN E 97 -29.45 3.12 34.15
C ASN E 97 -29.86 3.37 32.69
N THR E 98 -28.99 3.05 31.72
CA THR E 98 -29.18 3.54 30.36
C THR E 98 -30.27 2.77 29.61
N GLU E 99 -30.42 1.47 29.87
CA GLU E 99 -31.43 0.60 29.26
C GLU E 99 -31.42 0.64 27.72
N ASP E 100 -30.26 0.89 27.10
CA ASP E 100 -30.17 0.89 25.64
C ASP E 100 -28.72 0.70 25.23
N GLU E 101 -28.44 -0.41 24.55
CA GLU E 101 -27.06 -0.77 24.23
C GLU E 101 -26.46 0.14 23.17
N HIS E 102 -27.25 0.55 22.17
CA HIS E 102 -26.73 1.41 21.12
C HIS E 102 -26.24 2.75 21.66
N THR E 103 -27.09 3.42 22.45
CA THR E 103 -26.63 4.63 23.14
C THR E 103 -25.43 4.32 24.02
N LEU E 104 -25.52 3.25 24.80
CA LEU E 104 -24.44 2.90 25.72
C LEU E 104 -23.14 2.63 24.97
N THR E 105 -23.22 1.96 23.83
CA THR E 105 -22.02 1.67 23.06
C THR E 105 -21.36 2.95 22.59
N GLN E 106 -22.17 3.93 22.18
CA GLN E 106 -21.65 5.26 21.88
C GLN E 106 -21.14 5.94 23.15
N ILE E 107 -21.92 5.87 24.23
CA ILE E 107 -21.53 6.45 25.52
C ILE E 107 -20.15 5.96 25.94
N ILE E 108 -19.83 4.70 25.64
CA ILE E 108 -18.55 4.15 26.09
C ILE E 108 -17.41 4.63 25.21
N SER E 109 -17.60 4.63 23.89
CA SER E 109 -16.57 5.11 22.98
C SER E 109 -16.33 6.60 23.16
N ASN E 110 -17.40 7.38 23.31
CA ASN E 110 -17.28 8.83 23.37
C ASN E 110 -16.66 9.31 24.68
N ASN E 111 -16.94 8.61 25.79
CA ASN E 111 -16.52 9.07 27.12
C ASN E 111 -15.55 8.10 27.78
N SER E 112 -14.76 7.38 26.97
CA SER E 112 -13.92 6.29 27.49
C SER E 112 -12.84 6.79 28.45
N ALA E 113 -12.23 7.94 28.16
CA ALA E 113 -11.06 8.37 28.92
C ALA E 113 -11.37 8.52 30.41
N ARG E 114 -12.43 9.22 30.75
CA ARG E 114 -12.83 9.32 32.16
C ARG E 114 -13.14 7.94 32.75
N ILE E 115 -13.73 7.06 31.95
CA ILE E 115 -14.22 5.79 32.47
C ILE E 115 -13.06 4.91 32.97
N CYS E 116 -12.06 4.68 32.12
CA CYS E 116 -10.96 3.82 32.52
C CYS E 116 -10.23 4.35 33.75
N GLU E 117 -10.04 5.67 33.82
CA GLU E 117 -9.44 6.28 35.01
C GLU E 117 -10.34 6.06 36.23
N LEU E 118 -11.64 6.30 36.06
CA LEU E 118 -12.58 6.19 37.16
C LEU E 118 -12.75 4.76 37.66
N ILE E 119 -12.49 3.76 36.81
CA ILE E 119 -12.66 2.38 37.27
C ILE E 119 -11.56 1.99 38.24
N LEU E 120 -10.32 2.26 37.89
CA LEU E 120 -9.17 1.96 38.74
C LEU E 120 -8.89 3.11 39.70
N LYS E 121 -8.00 4.02 39.29
CA LYS E 121 -7.63 5.17 40.12
C LYS E 121 -7.56 6.45 39.29
N ARG E 133 -6.15 10.25 25.12
CA ARG E 133 -7.09 9.17 24.87
C ARG E 133 -6.45 8.08 24.03
N LEU E 134 -5.90 7.08 24.72
CA LEU E 134 -5.29 5.93 24.07
C LEU E 134 -6.34 4.98 23.52
N GLN E 135 -7.55 4.99 24.10
CA GLN E 135 -8.65 4.16 23.61
C GLN E 135 -9.10 4.59 22.21
N GLU E 136 -9.28 5.89 22.00
CA GLU E 136 -9.70 6.35 20.68
C GLU E 136 -8.66 6.02 19.60
N LEU E 137 -7.37 6.03 19.94
CA LEU E 137 -6.39 5.59 18.95
C LEU E 137 -6.44 4.07 18.79
N GLU E 138 -6.66 3.34 19.88
CA GLU E 138 -6.87 1.91 19.80
C GLU E 138 -8.15 1.57 19.05
N SER E 139 -9.23 2.33 19.32
CA SER E 139 -10.52 2.08 18.68
C SER E 139 -10.41 2.12 17.16
N LEU E 140 -9.68 3.11 16.62
CA LEU E 140 -9.56 3.20 15.17
C LEU E 140 -8.70 2.07 14.61
N THR E 141 -7.63 1.70 15.30
CA THR E 141 -6.84 0.55 14.88
C THR E 141 -7.73 -0.69 14.71
N LEU E 142 -8.64 -0.91 15.65
CA LEU E 142 -9.60 -2.00 15.51
C LEU E 142 -10.65 -1.67 14.46
N THR E 143 -11.15 -0.43 14.46
CA THR E 143 -12.15 -0.02 13.48
C THR E 143 -11.63 -0.18 12.05
N LEU E 144 -10.35 0.15 11.83
CA LEU E 144 -9.80 0.08 10.48
C LEU E 144 -9.56 -1.37 10.05
N GLN E 145 -9.05 -2.20 10.97
CA GLN E 145 -8.87 -3.61 10.66
C GLN E 145 -10.19 -4.25 10.23
N LYS E 146 -11.27 -3.95 10.96
CA LYS E 146 -12.58 -4.51 10.59
C LYS E 146 -13.08 -3.90 9.29
N LEU E 147 -12.90 -2.59 9.10
CA LEU E 147 -13.34 -1.97 7.85
C LEU E 147 -12.52 -2.46 6.67
N LEU E 148 -11.23 -2.72 6.88
CA LEU E 148 -10.41 -3.32 5.83
C LEU E 148 -10.81 -4.77 5.59
N LYS E 149 -11.07 -5.53 6.67
CA LYS E 149 -11.45 -6.92 6.53
C LYS E 149 -12.74 -7.06 5.72
N SER E 150 -13.75 -6.23 6.01
CA SER E 150 -14.99 -6.30 5.25
C SER E 150 -14.81 -5.81 3.82
N SER E 151 -13.92 -4.84 3.60
CA SER E 151 -13.64 -4.39 2.24
C SER E 151 -12.95 -5.48 1.44
N GLU E 152 -11.97 -6.14 2.06
CA GLU E 152 -11.36 -7.31 1.42
C GLU E 152 -12.39 -8.42 1.24
N ASN E 153 -13.37 -8.50 2.14
CA ASN E 153 -14.43 -9.48 1.99
C ASN E 153 -15.37 -9.13 0.84
N LYS E 154 -15.72 -7.86 0.69
CA LYS E 154 -16.53 -7.45 -0.46
C LYS E 154 -15.80 -7.74 -1.77
N LEU E 155 -14.46 -7.62 -1.78
CA LEU E 155 -13.71 -7.90 -2.99
C LEU E 155 -13.63 -9.40 -3.24
N LYS E 156 -13.44 -10.20 -2.19
CA LYS E 156 -13.38 -11.65 -2.36
C LYS E 156 -14.73 -12.21 -2.80
N LYS E 157 -15.81 -11.77 -2.16
CA LYS E 157 -17.13 -12.25 -2.56
C LYS E 157 -17.51 -11.76 -3.95
N ALA E 158 -17.04 -10.58 -4.34
CA ALA E 158 -17.39 -10.06 -5.66
C ALA E 158 -16.64 -10.78 -6.77
N THR E 159 -15.35 -11.05 -6.58
CA THR E 159 -14.61 -11.82 -7.57
C THR E 159 -15.23 -13.21 -7.76
N GLU E 160 -15.76 -13.80 -6.67
CA GLU E 160 -16.47 -15.07 -6.80
C GLU E 160 -17.71 -14.91 -7.69
N TYR E 161 -18.46 -13.83 -7.50
CA TYR E 161 -19.68 -13.63 -8.28
C TYR E 161 -19.39 -13.52 -9.76
N TYR E 162 -18.41 -12.71 -10.14
CA TYR E 162 -18.19 -12.43 -11.56
C TYR E 162 -17.64 -13.65 -12.29
N GLU E 163 -16.70 -14.37 -11.67
CA GLU E 163 -16.12 -15.55 -12.30
C GLU E 163 -17.12 -16.69 -12.46
N ASN E 164 -18.23 -16.67 -11.71
CA ASN E 164 -19.28 -17.64 -11.97
C ASN E 164 -19.88 -17.43 -13.35
N ILE E 165 -20.18 -16.17 -13.70
CA ILE E 165 -20.71 -15.87 -15.02
C ILE E 165 -19.64 -16.10 -16.09
N ILE E 166 -18.36 -15.84 -15.77
CA ILE E 166 -17.29 -16.08 -16.73
C ILE E 166 -17.19 -17.56 -17.06
N ALA E 167 -17.30 -18.42 -16.04
CA ALA E 167 -17.23 -19.85 -16.27
C ALA E 167 -18.47 -20.36 -17.00
N GLN E 168 -19.63 -19.76 -16.73
CA GLN E 168 -20.87 -20.18 -17.38
C GLN E 168 -20.84 -19.95 -18.88
N TYR E 169 -20.00 -19.02 -19.36
CA TYR E 169 -19.87 -18.83 -20.81
C TYR E 169 -18.87 -19.82 -21.40
N ASP E 170 -17.75 -20.05 -20.72
CA ASP E 170 -16.72 -20.98 -21.18
C ASP E 170 -17.21 -22.42 -21.13
N SER F 17 -40.46 -13.65 -19.90
CA SER F 17 -39.75 -13.15 -18.72
C SER F 17 -38.56 -12.31 -19.18
N GLU F 18 -37.41 -12.57 -18.61
CA GLU F 18 -36.29 -11.82 -19.15
C GLU F 18 -35.49 -12.73 -20.07
N PRO F 19 -34.94 -12.23 -21.17
CA PRO F 19 -34.20 -13.12 -22.05
C PRO F 19 -32.94 -13.62 -21.37
N LEU F 20 -32.55 -14.85 -21.74
CA LEU F 20 -31.42 -15.50 -21.08
C LEU F 20 -30.13 -15.15 -21.82
N THR F 21 -30.07 -15.50 -23.09
CA THR F 21 -28.93 -15.23 -23.96
C THR F 21 -29.48 -14.57 -25.23
N GLN F 22 -28.58 -14.28 -26.17
CA GLN F 22 -28.96 -13.76 -27.47
C GLN F 22 -29.85 -14.72 -28.25
N LYS F 23 -29.84 -16.01 -27.91
CA LYS F 23 -30.73 -16.96 -28.60
C LYS F 23 -32.20 -16.63 -28.33
N ASP F 24 -32.54 -16.32 -27.08
CA ASP F 24 -33.93 -16.02 -26.76
C ASP F 24 -34.36 -14.60 -27.14
N VAL F 25 -33.42 -13.70 -27.43
CA VAL F 25 -33.79 -12.30 -27.61
C VAL F 25 -34.32 -12.02 -29.01
N ILE F 26 -33.91 -12.82 -30.00
CA ILE F 26 -34.45 -12.66 -31.35
C ILE F 26 -35.96 -12.83 -31.32
N ALA F 27 -36.47 -13.72 -30.48
CA ALA F 27 -37.90 -13.94 -30.39
C ALA F 27 -38.62 -12.87 -29.55
N PHE F 28 -37.94 -12.25 -28.59
CA PHE F 28 -38.58 -11.24 -27.76
C PHE F 28 -38.82 -9.94 -28.51
N GLN F 29 -39.96 -9.32 -28.25
CA GLN F 29 -40.31 -8.05 -28.85
C GLN F 29 -39.48 -6.92 -28.26
N LYS F 30 -39.36 -5.82 -29.01
CA LYS F 30 -38.53 -4.69 -28.59
C LYS F 30 -39.10 -3.98 -27.37
N GLU F 31 -40.40 -3.67 -27.39
CA GLU F 31 -41.02 -2.92 -26.31
C GLU F 31 -40.88 -3.63 -24.96
N ALA F 32 -40.88 -4.97 -24.94
CA ALA F 32 -40.67 -5.67 -23.68
C ALA F 32 -39.20 -5.62 -23.27
N LEU F 33 -38.28 -5.68 -24.24
CA LEU F 33 -36.86 -5.56 -23.93
C LEU F 33 -36.55 -4.21 -23.28
N PHE F 34 -37.25 -3.16 -23.71
CA PHE F 34 -37.05 -1.85 -23.11
C PHE F 34 -37.58 -1.83 -21.68
N ARG F 35 -38.78 -2.37 -21.48
CA ARG F 35 -39.36 -2.45 -20.15
C ARG F 35 -38.48 -3.28 -19.21
N CYS F 36 -37.90 -4.35 -19.72
CA CYS F 36 -37.02 -5.17 -18.90
C CYS F 36 -35.74 -4.42 -18.55
N LEU F 37 -35.17 -3.69 -19.51
CA LEU F 37 -34.01 -2.86 -19.21
C LEU F 37 -34.31 -1.87 -18.10
N ASN F 38 -35.50 -1.27 -18.13
CA ASN F 38 -35.84 -0.24 -17.15
C ASN F 38 -35.99 -0.83 -15.76
N LYS F 39 -36.69 -1.97 -15.64
CA LYS F 39 -36.84 -2.61 -14.33
C LYS F 39 -35.49 -2.97 -13.74
N TRP F 40 -34.55 -3.44 -14.57
CA TRP F 40 -33.23 -3.77 -14.07
C TRP F 40 -32.41 -2.51 -13.78
N ARG F 41 -32.48 -1.53 -14.69
CA ARG F 41 -31.72 -0.29 -14.50
C ARG F 41 -32.21 0.50 -13.28
N VAL F 42 -33.53 0.55 -13.08
CA VAL F 42 -34.04 1.29 -11.93
C VAL F 42 -33.84 0.52 -10.62
N LYS F 43 -34.04 -0.81 -10.64
CA LYS F 43 -33.87 -1.59 -9.42
C LYS F 43 -32.41 -1.64 -8.98
N ALA F 44 -31.48 -1.68 -9.95
CA ALA F 44 -30.07 -1.71 -9.60
C ALA F 44 -29.62 -0.38 -9.02
N ASN F 45 -30.22 0.72 -9.47
CA ASN F 45 -29.84 2.04 -8.97
C ASN F 45 -30.32 2.24 -7.55
N GLN F 46 -31.54 1.78 -7.25
CA GLN F 46 -32.04 1.82 -5.88
C GLN F 46 -31.18 0.99 -4.92
N LEU F 47 -30.52 -0.05 -5.44
CA LEU F 47 -29.72 -0.91 -4.57
C LEU F 47 -28.48 -0.20 -4.06
N VAL F 48 -27.95 0.76 -4.83
CA VAL F 48 -26.82 1.54 -4.36
C VAL F 48 -27.24 2.41 -3.17
N GLU F 49 -28.47 2.91 -3.20
CA GLU F 49 -29.02 3.62 -2.05
C GLU F 49 -29.05 2.70 -0.83
N GLU F 50 -29.45 1.44 -1.02
CA GLU F 50 -29.46 0.47 0.07
C GLU F 50 -28.05 0.15 0.56
N ASN F 51 -27.09 0.08 -0.35
CA ASN F 51 -25.74 -0.30 0.05
C ASN F 51 -25.03 0.84 0.76
N GLU F 52 -25.27 2.09 0.36
CA GLU F 52 -24.69 3.22 1.07
C GLU F 52 -25.27 3.33 2.48
N VAL F 53 -26.60 3.26 2.61
CA VAL F 53 -27.21 3.32 3.93
C VAL F 53 -26.80 2.12 4.79
N LEU F 54 -26.53 0.96 4.17
CA LEU F 54 -26.06 -0.18 4.94
C LEU F 54 -24.60 0.00 5.35
N ALA F 55 -23.76 0.42 4.40
CA ALA F 55 -22.36 0.69 4.74
C ALA F 55 -22.26 1.86 5.70
N ALA F 56 -23.25 2.77 5.68
CA ALA F 56 -23.31 3.84 6.67
C ALA F 56 -23.65 3.27 8.04
N GLY F 57 -24.74 2.52 8.14
CA GLY F 57 -25.11 1.90 9.40
C GLY F 57 -24.11 0.88 9.90
N LEU F 58 -23.31 0.30 8.99
CA LEU F 58 -22.27 -0.62 9.41
C LEU F 58 -21.09 0.12 10.02
N SER F 59 -20.83 1.34 9.55
CA SER F 59 -19.78 2.14 10.15
C SER F 59 -20.23 2.70 11.49
N LYS F 60 -21.51 3.06 11.61
CA LYS F 60 -22.02 3.58 12.88
C LYS F 60 -21.91 2.55 14.00
N THR F 61 -22.03 1.26 13.67
CA THR F 61 -21.88 0.22 14.68
C THR F 61 -20.43 -0.20 14.87
N THR F 62 -19.67 -0.33 13.79
CA THR F 62 -18.28 -0.75 13.90
C THR F 62 -17.43 0.31 14.60
N GLU F 63 -17.77 1.60 14.43
CA GLU F 63 -16.99 2.63 15.10
C GLU F 63 -17.25 2.61 16.60
N SER F 64 -18.48 2.33 17.00
CA SER F 64 -18.81 2.34 18.42
C SER F 64 -18.53 1.01 19.10
N VAL F 65 -18.56 -0.10 18.36
CA VAL F 65 -18.27 -1.38 18.97
C VAL F 65 -16.78 -1.51 19.24
N SER F 66 -15.95 -1.02 18.31
CA SER F 66 -14.52 -0.99 18.54
C SER F 66 -14.18 -0.08 19.71
N GLY F 67 -15.04 0.90 19.98
CA GLY F 67 -14.87 1.74 21.16
C GLY F 67 -14.86 0.94 22.46
N CYS F 68 -15.81 0.03 22.62
CA CYS F 68 -15.87 -0.78 23.84
C CYS F 68 -14.70 -1.74 23.92
N CYS F 69 -14.46 -2.50 22.83
CA CYS F 69 -13.40 -3.50 22.82
C CYS F 69 -12.06 -2.89 23.24
N SER F 70 -11.74 -1.70 22.72
CA SER F 70 -10.50 -1.04 23.07
C SER F 70 -10.42 -0.74 24.57
N SER F 71 -11.55 -0.36 25.17
CA SER F 71 -11.57 -0.06 26.59
C SER F 71 -11.20 -1.28 27.42
N ILE F 72 -11.51 -2.48 26.92
CA ILE F 72 -11.14 -3.69 27.63
C ILE F 72 -9.66 -3.97 27.46
N VAL F 73 -9.13 -3.73 26.26
CA VAL F 73 -7.70 -3.90 26.02
C VAL F 73 -6.91 -2.92 26.88
N VAL F 74 -7.41 -1.70 27.03
CA VAL F 74 -6.71 -0.70 27.85
C VAL F 74 -6.68 -1.14 29.31
N LEU F 75 -7.80 -1.64 29.83
CA LEU F 75 -7.83 -2.11 31.21
C LEU F 75 -6.99 -3.37 31.39
N ALA F 76 -6.93 -4.23 30.38
CA ALA F 76 -6.08 -5.42 30.47
C ALA F 76 -4.61 -5.04 30.55
N ARG F 77 -4.18 -4.12 29.67
CA ARG F 77 -2.79 -3.66 29.71
C ARG F 77 -2.47 -2.95 31.02
N SER F 78 -3.46 -2.29 31.61
CA SER F 78 -3.21 -1.50 32.82
C SER F 78 -2.94 -2.37 34.04
N VAL F 79 -3.38 -3.63 34.02
CA VAL F 79 -3.28 -4.51 35.18
C VAL F 79 -2.49 -5.77 34.89
N VAL F 80 -2.08 -6.00 33.64
CA VAL F 80 -1.38 -7.23 33.29
C VAL F 80 -0.05 -7.33 34.03
N GLU F 81 0.62 -6.19 34.23
CA GLU F 81 1.90 -6.19 34.94
C GLU F 81 1.73 -6.64 36.38
N ASP F 82 0.56 -6.39 36.97
CA ASP F 82 0.27 -6.72 38.36
C ASP F 82 -0.49 -8.03 38.51
N CYS F 83 -0.67 -8.78 37.44
CA CYS F 83 -1.36 -10.05 37.53
C CYS F 83 -0.45 -11.09 38.20
N SER F 84 -1.06 -11.94 39.03
CA SER F 84 -0.33 -12.87 39.89
C SER F 84 -0.39 -14.30 39.37
N ASP F 85 -1.58 -14.79 39.04
CA ASP F 85 -1.70 -16.15 38.52
C ASP F 85 -1.17 -16.19 37.10
N GLU F 86 -0.24 -17.12 36.84
CA GLU F 86 0.49 -17.09 35.58
C GLU F 86 -0.39 -17.46 34.41
N GLN F 87 -1.41 -18.29 34.61
CA GLN F 87 -2.39 -18.54 33.56
C GLN F 87 -3.24 -17.32 33.28
N ASP F 88 -3.42 -16.44 34.27
CA ASP F 88 -4.20 -15.22 34.05
C ASP F 88 -3.36 -14.14 33.37
N LYS F 89 -2.09 -13.99 33.76
CA LYS F 89 -1.23 -13.03 33.07
C LYS F 89 -1.05 -13.41 31.60
N ARG F 90 -0.84 -14.71 31.33
CA ARG F 90 -0.77 -15.18 29.96
C ARG F 90 -2.07 -14.95 29.20
N PHE F 91 -3.21 -15.06 29.88
CA PHE F 91 -4.49 -14.82 29.24
C PHE F 91 -4.66 -13.36 28.87
N LEU F 92 -4.25 -12.45 29.75
CA LEU F 92 -4.37 -11.03 29.47
C LEU F 92 -3.45 -10.62 28.31
N GLN F 93 -2.26 -11.22 28.22
CA GLN F 93 -1.37 -10.93 27.10
C GLN F 93 -2.00 -11.31 25.77
N GLN F 94 -2.56 -12.52 25.68
CA GLN F 94 -3.25 -12.92 24.46
C GLN F 94 -4.38 -11.95 24.11
N LEU F 95 -5.06 -11.41 25.11
CA LEU F 95 -6.14 -10.46 24.85
C LEU F 95 -5.61 -9.17 24.25
N ILE F 96 -4.54 -8.62 24.83
CA ILE F 96 -4.03 -7.33 24.39
C ILE F 96 -3.43 -7.42 22.99
N ASN F 97 -2.92 -8.58 22.59
CA ASN F 97 -2.14 -8.69 21.36
C ASN F 97 -2.96 -9.21 20.18
N THR F 98 -4.26 -9.41 20.34
CA THR F 98 -5.10 -9.82 19.23
C THR F 98 -5.54 -8.59 18.43
N GLU F 99 -5.26 -8.61 17.13
CA GLU F 99 -5.59 -7.49 16.25
C GLU F 99 -6.86 -7.71 15.44
N ASP F 100 -7.51 -8.86 15.58
CA ASP F 100 -8.73 -9.17 14.84
C ASP F 100 -9.91 -8.99 15.79
N GLU F 101 -10.81 -8.06 15.43
CA GLU F 101 -11.87 -7.68 16.37
C GLU F 101 -12.82 -8.83 16.66
N HIS F 102 -13.10 -9.69 15.66
CA HIS F 102 -13.91 -10.86 15.94
C HIS F 102 -13.25 -11.74 16.99
N THR F 103 -11.96 -12.02 16.82
CA THR F 103 -11.20 -12.76 17.83
C THR F 103 -11.28 -12.07 19.19
N LEU F 104 -11.06 -10.76 19.21
CA LEU F 104 -11.10 -10.03 20.49
C LEU F 104 -12.48 -10.07 21.11
N THR F 105 -13.54 -9.93 20.30
CA THR F 105 -14.90 -9.97 20.82
C THR F 105 -15.24 -11.35 21.36
N GLN F 106 -14.76 -12.40 20.70
CA GLN F 106 -14.98 -13.75 21.20
C GLN F 106 -14.32 -13.95 22.57
N ILE F 107 -13.06 -13.55 22.70
CA ILE F 107 -12.37 -13.62 23.98
C ILE F 107 -13.13 -12.87 25.07
N ILE F 108 -13.74 -11.75 24.71
CA ILE F 108 -14.45 -10.95 25.71
C ILE F 108 -15.82 -11.53 26.00
N SER F 109 -16.54 -11.98 24.97
CA SER F 109 -17.86 -12.56 25.21
C SER F 109 -17.76 -13.84 26.03
N ASN F 110 -16.82 -14.71 25.70
CA ASN F 110 -16.72 -16.00 26.38
C ASN F 110 -16.19 -15.85 27.80
N ASN F 111 -15.32 -14.88 28.05
CA ASN F 111 -14.64 -14.74 29.33
C ASN F 111 -14.98 -13.41 30.01
N SER F 112 -16.20 -12.91 29.79
CA SER F 112 -16.52 -11.55 30.24
C SER F 112 -16.43 -11.42 31.76
N ALA F 113 -17.01 -12.38 32.51
CA ALA F 113 -16.92 -12.33 33.96
C ALA F 113 -15.48 -12.51 34.43
N ARG F 114 -14.77 -13.48 33.85
CA ARG F 114 -13.38 -13.71 34.19
C ARG F 114 -12.56 -12.44 34.00
N ILE F 115 -12.87 -11.67 32.97
CA ILE F 115 -12.13 -10.43 32.70
C ILE F 115 -12.40 -9.42 33.81
N CYS F 116 -13.67 -9.21 34.14
CA CYS F 116 -14.04 -8.24 35.16
C CYS F 116 -13.37 -8.55 36.49
N GLU F 117 -13.33 -9.82 36.88
CA GLU F 117 -12.68 -10.20 38.13
C GLU F 117 -11.21 -9.81 38.12
N LEU F 118 -10.51 -10.08 37.01
CA LEU F 118 -9.08 -9.82 36.95
C LEU F 118 -8.76 -8.33 37.03
N ILE F 119 -9.69 -7.48 36.58
CA ILE F 119 -9.45 -6.04 36.62
C ILE F 119 -9.63 -5.49 38.02
N LEU F 120 -10.71 -5.86 38.70
CA LEU F 120 -10.99 -5.32 40.03
C LEU F 120 -10.28 -6.08 41.16
N LYS F 121 -9.39 -7.01 40.84
CA LYS F 121 -8.68 -7.79 41.84
C LYS F 121 -7.23 -7.37 41.99
N THR F 122 -6.49 -7.28 40.88
CA THR F 122 -5.09 -6.90 40.95
C THR F 122 -4.94 -5.45 41.36
N SER F 123 -3.75 -5.12 41.86
CA SER F 123 -3.49 -3.79 42.40
C SER F 123 -3.65 -2.71 41.33
N GLY F 124 -3.18 -2.99 40.11
CA GLY F 124 -3.35 -2.07 39.00
C GLY F 124 -2.20 -1.10 38.86
N SER F 125 -2.21 -0.38 37.73
CA SER F 125 -1.16 0.55 37.33
C SER F 125 0.16 -0.18 37.12
N GLY F 132 5.44 7.32 24.74
CA GLY F 132 6.16 6.22 24.15
C GLY F 132 5.30 5.03 23.81
N ARG F 133 3.98 5.18 24.00
CA ARG F 133 3.04 4.12 23.72
C ARG F 133 2.02 4.48 22.65
N LEU F 134 1.76 5.77 22.44
CA LEU F 134 0.83 6.22 21.41
C LEU F 134 1.43 6.20 20.01
N GLN F 135 2.75 6.38 19.90
CA GLN F 135 3.38 6.37 18.59
C GLN F 135 3.29 5.00 17.93
N GLU F 136 3.37 3.94 18.73
CA GLU F 136 3.26 2.58 18.20
C GLU F 136 1.93 2.36 17.47
N LEU F 137 0.85 2.97 17.96
CA LEU F 137 -0.46 2.82 17.33
C LEU F 137 -0.59 3.66 16.05
N GLU F 138 0.01 4.84 16.04
CA GLU F 138 -0.15 5.75 14.90
C GLU F 138 0.43 5.17 13.61
N SER F 139 1.59 4.49 13.70
CA SER F 139 2.19 3.91 12.50
C SER F 139 1.20 3.01 11.76
N LEU F 140 0.45 2.21 12.50
CA LEU F 140 -0.54 1.32 11.87
C LEU F 140 -1.74 2.12 11.36
N THR F 141 -2.18 3.12 12.11
CA THR F 141 -3.34 3.93 11.72
C THR F 141 -3.24 4.48 10.30
N LEU F 142 -2.07 5.02 9.93
CA LEU F 142 -1.90 5.50 8.57
C LEU F 142 -1.77 4.34 7.59
N THR F 143 -1.04 3.29 7.98
CA THR F 143 -0.89 2.12 7.12
C THR F 143 -2.25 1.54 6.74
N LEU F 144 -3.19 1.53 7.68
CA LEU F 144 -4.49 0.93 7.43
C LEU F 144 -5.34 1.81 6.51
N GLN F 145 -5.30 3.14 6.70
CA GLN F 145 -6.05 4.04 5.83
C GLN F 145 -5.67 3.84 4.36
N LYS F 146 -4.37 3.77 4.07
CA LYS F 146 -3.95 3.52 2.70
C LYS F 146 -4.29 2.09 2.27
N LEU F 147 -4.11 1.12 3.18
CA LEU F 147 -4.45 -0.25 2.84
C LEU F 147 -5.96 -0.41 2.64
N LEU F 148 -6.75 0.33 3.41
CA LEU F 148 -8.19 0.38 3.15
C LEU F 148 -8.46 1.15 1.87
N LYS F 149 -7.74 2.26 1.66
CA LYS F 149 -7.90 3.06 0.44
C LYS F 149 -7.59 2.23 -0.80
N SER F 150 -6.50 1.46 -0.77
CA SER F 150 -6.17 0.64 -1.93
C SER F 150 -7.12 -0.52 -2.11
N SER F 151 -7.64 -1.07 -1.00
CA SER F 151 -8.61 -2.15 -1.10
C SER F 151 -9.92 -1.66 -1.69
N GLU F 152 -10.40 -0.49 -1.27
CA GLU F 152 -11.58 0.09 -1.89
C GLU F 152 -11.35 0.42 -3.36
N ASN F 153 -10.13 0.84 -3.69
CA ASN F 153 -9.81 1.09 -5.09
C ASN F 153 -9.62 -0.21 -5.86
N LYS F 154 -8.96 -1.19 -5.24
CA LYS F 154 -8.83 -2.50 -5.88
C LYS F 154 -10.19 -3.12 -6.17
N LEU F 155 -11.19 -2.85 -5.32
CA LEU F 155 -12.52 -3.36 -5.56
C LEU F 155 -13.21 -2.62 -6.70
N LYS F 156 -13.00 -1.30 -6.77
CA LYS F 156 -13.59 -0.51 -7.86
C LYS F 156 -13.00 -0.92 -9.21
N LYS F 157 -11.68 -1.05 -9.28
CA LYS F 157 -11.06 -1.47 -10.54
C LYS F 157 -11.45 -2.89 -10.91
N ALA F 158 -11.71 -3.75 -9.92
CA ALA F 158 -12.12 -5.12 -10.21
C ALA F 158 -13.55 -5.17 -10.70
N THR F 159 -14.43 -4.38 -10.08
CA THR F 159 -15.81 -4.28 -10.55
C THR F 159 -15.86 -3.82 -12.01
N GLU F 160 -15.04 -2.83 -12.35
CA GLU F 160 -14.95 -2.37 -13.74
C GLU F 160 -14.37 -3.43 -14.65
N TYR F 161 -13.30 -4.11 -14.21
CA TYR F 161 -12.63 -5.08 -15.07
C TYR F 161 -13.55 -6.22 -15.46
N TYR F 162 -14.25 -6.79 -14.49
CA TYR F 162 -15.09 -7.96 -14.78
C TYR F 162 -16.31 -7.58 -15.59
N GLU F 163 -16.89 -6.41 -15.32
CA GLU F 163 -18.09 -6.02 -16.06
C GLU F 163 -17.81 -5.79 -17.54
N ASN F 164 -16.59 -5.41 -17.90
CA ASN F 164 -16.23 -5.39 -19.31
C ASN F 164 -16.06 -6.80 -19.86
N ILE F 165 -15.41 -7.69 -19.08
CA ILE F 165 -15.17 -9.05 -19.54
C ILE F 165 -16.50 -9.78 -19.74
N ILE F 166 -17.48 -9.53 -18.87
CA ILE F 166 -18.80 -10.10 -19.09
C ILE F 166 -19.43 -9.51 -20.34
N ALA F 167 -19.26 -8.20 -20.52
CA ALA F 167 -19.79 -7.55 -21.73
C ALA F 167 -18.99 -7.94 -22.96
N GLN F 168 -17.67 -8.09 -22.81
CA GLN F 168 -16.83 -8.49 -23.94
C GLN F 168 -17.17 -9.89 -24.42
N TYR F 169 -17.75 -10.73 -23.57
CA TYR F 169 -18.22 -12.05 -24.01
C TYR F 169 -19.55 -11.96 -24.73
N ASP F 170 -20.44 -11.07 -24.25
CA ASP F 170 -21.73 -10.89 -24.90
C ASP F 170 -21.59 -10.34 -26.31
N ARG F 171 -20.46 -9.70 -26.62
CA ARG F 171 -20.21 -9.20 -27.97
C ARG F 171 -19.72 -10.32 -28.88
N GLN F 172 -18.75 -11.11 -28.41
CA GLN F 172 -18.23 -12.22 -29.19
C GLN F 172 -19.29 -13.29 -29.46
N ASP F 173 -20.32 -13.36 -28.61
CA ASP F 173 -21.46 -14.24 -28.86
C ASP F 173 -22.39 -13.70 -29.94
N SER F 174 -22.35 -12.40 -30.22
CA SER F 174 -23.28 -11.80 -31.17
C SER F 174 -22.98 -12.28 -32.59
N GLU F 175 -23.95 -12.98 -33.18
CA GLU F 175 -23.87 -13.29 -34.61
C GLU F 175 -23.99 -12.02 -35.44
N SER F 176 -24.66 -10.99 -34.92
CA SER F 176 -24.78 -9.72 -35.62
C SER F 176 -23.42 -9.04 -35.75
N VAL F 177 -22.71 -8.87 -34.64
CA VAL F 177 -21.43 -8.15 -34.66
C VAL F 177 -20.45 -8.83 -35.60
N SER F 178 -20.47 -10.17 -35.65
CA SER F 178 -19.54 -10.91 -36.50
C SER F 178 -19.76 -10.57 -37.96
N ARG F 179 -21.01 -10.58 -38.42
CA ARG F 179 -21.28 -10.30 -39.84
C ARG F 179 -21.03 -8.84 -40.17
N VAL F 180 -21.16 -7.94 -39.20
CA VAL F 180 -20.98 -6.52 -39.47
C VAL F 180 -19.51 -6.15 -39.58
N PHE F 181 -18.66 -6.67 -38.69
CA PHE F 181 -17.25 -6.26 -38.64
C PHE F 181 -16.28 -7.39 -38.93
N ASN F 182 -16.54 -8.60 -38.43
CA ASN F 182 -15.65 -9.76 -38.55
C ASN F 182 -14.17 -9.41 -38.38
#